data_1VE5
#
_entry.id   1VE5
#
_cell.length_a   53.590
_cell.length_b   158.190
_cell.length_c   80.300
_cell.angle_alpha   90.00
_cell.angle_beta   108.52
_cell.angle_gamma   90.00
#
_symmetry.space_group_name_H-M   'P 1 21 1'
#
loop_
_entity.id
_entity.type
_entity.pdbx_description
1 polymer 'Threonine deaminase'
2 non-polymer 'CALCIUM ION'
3 non-polymer "PYRIDOXAL-5'-PHOSPHATE"
4 water water
#
_entity_poly.entity_id   1
_entity_poly.type   'polypeptide(L)'
_entity_poly.pdbx_seq_one_letter_code
;MPSLQDLYAAFRRIAPYTHRTPLLTSRLLDGLLGKRLLLKAEHLQKTGSFKARGALSKALALENPKGLLAVSSGNHAQGV
AYAAQVLGVKALVVMPEDASPYKKACARAYGAEVVDRGVTAKNREEVARALQEETGYALIHPFDDPLVIAGQGTAGLELL
AQAGRMGVFPGAVLAPVGGGGLLAGLATAVKALSPTTLVLGVEPEAADDAKRSLEAGRILRLEAPPRTRADGVRTLSLGE
RTFPILRERVDGILTVSEEALLEAERLLFTRTKQVVEPTGALPLAAVLEHGARLPQTLALLLSGGNRDFSP
;
_entity_poly.pdbx_strand_id   A,B,C,D
#
loop_
_chem_comp.id
_chem_comp.type
_chem_comp.name
_chem_comp.formula
CA non-polymer 'CALCIUM ION' 'Ca 2'
PLP non-polymer PYRIDOXAL-5'-PHOSPHATE 'C8 H10 N O6 P'
#
# COMPACT_ATOMS: atom_id res chain seq x y z
N PRO A 2 -2.77 31.51 -3.61
CA PRO A 2 -3.32 31.19 -4.94
C PRO A 2 -4.65 30.45 -4.88
N SER A 3 -4.99 29.76 -5.95
CA SER A 3 -6.24 29.03 -6.05
C SER A 3 -6.06 27.51 -5.89
N LEU A 4 -7.15 26.80 -5.58
CA LEU A 4 -7.09 25.36 -5.43
C LEU A 4 -6.67 24.74 -6.75
N GLN A 5 -7.15 25.31 -7.86
CA GLN A 5 -6.77 24.79 -9.17
C GLN A 5 -5.28 25.03 -9.37
N ASP A 6 -4.77 26.14 -8.85
CA ASP A 6 -3.34 26.42 -8.98
C ASP A 6 -2.56 25.31 -8.27
N LEU A 7 -3.05 24.92 -7.09
CA LEU A 7 -2.42 23.86 -6.31
C LEU A 7 -2.37 22.56 -7.08
N TYR A 8 -3.51 22.16 -7.63
CA TYR A 8 -3.56 20.92 -8.37
C TYR A 8 -2.62 21.02 -9.56
N ALA A 9 -2.60 22.19 -10.20
CA ALA A 9 -1.72 22.39 -11.36
C ALA A 9 -0.27 22.23 -10.91
N ALA A 10 0.06 22.83 -9.77
CA ALA A 10 1.42 22.70 -9.23
C ALA A 10 1.71 21.21 -8.97
N PHE A 11 0.74 20.52 -8.40
CA PHE A 11 0.91 19.08 -8.14
C PHE A 11 1.30 18.34 -9.39
N ARG A 12 0.53 18.55 -10.45
CA ARG A 12 0.78 17.89 -11.71
C ARG A 12 2.19 18.18 -12.23
N ARG A 13 2.62 19.43 -12.12
CA ARG A 13 3.96 19.78 -12.58
C ARG A 13 5.09 19.08 -11.80
N ILE A 14 4.98 19.06 -10.48
CA ILE A 14 6.05 18.47 -9.65
C ILE A 14 5.97 16.98 -9.29
N ALA A 15 4.79 16.39 -9.46
CA ALA A 15 4.56 14.98 -9.12
C ALA A 15 5.65 13.99 -9.48
N PRO A 16 6.11 14.00 -10.74
CA PRO A 16 7.15 13.06 -11.14
C PRO A 16 8.55 13.25 -10.55
N TYR A 17 8.78 14.39 -9.91
CA TYR A 17 10.09 14.67 -9.34
C TYR A 17 10.12 14.78 -7.82
N THR A 18 8.98 14.56 -7.17
CA THR A 18 8.90 14.61 -5.73
C THR A 18 8.27 13.31 -5.20
N HIS A 19 8.34 13.15 -3.89
CA HIS A 19 7.79 11.96 -3.25
C HIS A 19 6.41 12.25 -2.67
N ARG A 20 5.55 11.24 -2.67
CA ARG A 20 4.25 11.36 -2.05
C ARG A 20 4.65 10.84 -0.65
N THR A 21 5.13 11.73 0.21
CA THR A 21 5.58 11.35 1.55
C THR A 21 4.46 10.78 2.41
N PRO A 22 4.79 9.76 3.22
CA PRO A 22 3.78 9.13 4.08
C PRO A 22 3.18 9.97 5.18
N LEU A 23 2.00 9.55 5.60
CA LEU A 23 1.28 10.16 6.69
C LEU A 23 1.54 9.11 7.77
N LEU A 24 2.57 9.36 8.59
CA LEU A 24 2.95 8.43 9.65
C LEU A 24 2.10 8.54 10.90
N THR A 25 1.90 7.41 11.56
CA THR A 25 1.13 7.37 12.80
C THR A 25 1.95 6.60 13.83
N SER A 26 1.88 7.01 15.09
CA SER A 26 2.62 6.34 16.15
C SER A 26 1.79 6.05 17.38
N ARG A 27 1.68 4.79 17.75
CA ARG A 27 0.93 4.38 18.92
C ARG A 27 1.55 5.07 20.12
N LEU A 28 2.88 5.03 20.18
CA LEU A 28 3.64 5.64 21.26
C LEU A 28 3.29 7.11 21.47
N LEU A 29 3.41 7.93 20.43
CA LEU A 29 3.11 9.34 20.56
C LEU A 29 1.66 9.55 20.98
N ASP A 30 0.75 8.85 20.31
CA ASP A 30 -0.67 8.96 20.64
C ASP A 30 -0.86 8.64 22.12
N GLY A 31 -0.04 7.72 22.63
CA GLY A 31 -0.12 7.34 24.03
C GLY A 31 0.34 8.44 24.96
N LEU A 32 1.56 8.92 24.77
CA LEU A 32 2.10 9.99 25.61
C LEU A 32 1.08 11.12 25.68
N LEU A 33 0.90 11.82 24.57
CA LEU A 33 -0.08 12.89 24.52
C LEU A 33 -1.39 12.13 24.50
N GLY A 34 -2.51 12.81 24.66
CA GLY A 34 -3.76 12.09 24.61
C GLY A 34 -4.42 12.46 23.30
N LYS A 35 -3.69 12.25 22.21
CA LYS A 35 -4.18 12.61 20.87
C LYS A 35 -3.97 11.54 19.81
N ARG A 36 -4.63 11.74 18.68
CA ARG A 36 -4.51 10.86 17.53
C ARG A 36 -3.71 11.74 16.58
N LEU A 37 -2.43 11.44 16.42
CA LEU A 37 -1.56 12.27 15.59
C LEU A 37 -1.20 11.71 14.23
N LEU A 38 -1.41 12.53 13.19
CA LEU A 38 -1.09 12.16 11.82
C LEU A 38 0.12 13.01 11.46
N LEU A 39 1.26 12.36 11.21
CA LEU A 39 2.49 13.07 10.89
C LEU A 39 2.84 13.06 9.40
N LYS A 40 2.71 14.22 8.76
CA LYS A 40 3.03 14.36 7.34
C LYS A 40 4.55 14.49 7.24
N ALA A 41 5.18 13.41 6.79
CA ALA A 41 6.64 13.32 6.70
C ALA A 41 7.41 14.05 5.60
N GLU A 42 7.35 15.38 5.56
CA GLU A 42 8.08 16.12 4.54
C GLU A 42 9.60 16.04 4.78
N HIS A 43 10.01 15.49 5.92
CA HIS A 43 11.44 15.34 6.19
C HIS A 43 11.95 14.24 5.27
N LEU A 44 11.02 13.42 4.77
CA LEU A 44 11.36 12.35 3.84
C LEU A 44 11.24 12.81 2.38
N GLN A 45 10.89 14.07 2.18
CA GLN A 45 10.79 14.61 0.83
C GLN A 45 12.18 14.76 0.24
N LYS A 46 12.24 14.79 -1.08
CA LYS A 46 13.48 14.98 -1.83
C LYS A 46 14.18 16.24 -1.29
N THR A 47 15.50 16.15 -1.10
CA THR A 47 16.37 17.21 -0.55
C THR A 47 16.24 17.40 0.97
N GLY A 48 15.31 16.68 1.60
CA GLY A 48 15.16 16.79 3.06
C GLY A 48 14.09 17.72 3.61
N SER A 49 13.37 18.43 2.74
CA SER A 49 12.32 19.32 3.23
C SER A 49 11.27 19.55 2.15
N PHE A 50 10.14 20.13 2.57
CA PHE A 50 9.04 20.43 1.65
C PHE A 50 9.40 21.45 0.58
N LYS A 51 10.43 22.27 0.82
CA LYS A 51 10.80 23.32 -0.14
C LYS A 51 11.10 22.86 -1.55
N ALA A 52 11.37 21.57 -1.73
CA ALA A 52 11.64 21.08 -3.08
C ALA A 52 10.38 21.29 -3.92
N ARG A 53 9.23 21.20 -3.26
CA ARG A 53 7.93 21.36 -3.93
C ARG A 53 7.78 22.76 -4.52
N GLY A 54 7.90 23.77 -3.66
CA GLY A 54 7.77 25.14 -4.13
C GLY A 54 8.75 25.46 -5.23
N ALA A 55 10.01 25.10 -5.04
CA ALA A 55 11.06 25.37 -6.02
C ALA A 55 10.73 24.80 -7.39
N LEU A 56 10.38 23.52 -7.43
CA LEU A 56 10.03 22.84 -8.68
C LEU A 56 8.78 23.44 -9.32
N SER A 57 7.81 23.80 -8.50
CA SER A 57 6.58 24.38 -8.99
C SER A 57 6.85 25.65 -9.83
N LYS A 58 7.72 26.52 -9.33
CA LYS A 58 8.06 27.74 -10.05
C LYS A 58 8.98 27.45 -11.24
N ALA A 59 10.02 26.66 -11.00
CA ALA A 59 10.99 26.33 -12.04
C ALA A 59 10.43 25.61 -13.25
N LEU A 60 9.49 24.70 -13.03
CA LEU A 60 8.90 23.94 -14.13
C LEU A 60 7.97 24.80 -14.96
N ALA A 61 7.49 25.89 -14.37
CA ALA A 61 6.58 26.79 -15.04
C ALA A 61 7.31 27.85 -15.86
N LEU A 62 8.62 27.96 -15.68
CA LEU A 62 9.39 28.94 -16.43
C LEU A 62 9.62 28.49 -17.87
N GLU A 63 9.60 29.43 -18.80
CA GLU A 63 9.84 29.10 -20.20
C GLU A 63 11.28 29.41 -20.57
N ASN A 64 11.95 28.45 -21.19
CA ASN A 64 13.35 28.59 -21.58
C ASN A 64 14.21 29.32 -20.54
N PRO A 65 14.25 28.81 -19.30
CA PRO A 65 15.05 29.43 -18.24
C PRO A 65 16.52 29.43 -18.61
N LYS A 66 17.24 30.46 -18.18
CA LYS A 66 18.66 30.57 -18.48
C LYS A 66 19.48 30.02 -17.32
N GLY A 67 18.83 29.86 -16.17
CA GLY A 67 19.48 29.35 -14.99
C GLY A 67 18.64 29.77 -13.80
N LEU A 68 18.93 29.22 -12.61
CA LEU A 68 18.14 29.59 -11.44
C LEU A 68 19.00 30.33 -10.43
N LEU A 69 18.38 31.26 -9.72
CA LEU A 69 19.08 32.06 -8.71
C LEU A 69 18.28 32.03 -7.43
N ALA A 70 18.97 31.97 -6.30
CA ALA A 70 18.28 31.94 -5.02
C ALA A 70 19.12 32.54 -3.90
N VAL A 71 18.44 33.18 -2.95
CA VAL A 71 19.09 33.79 -1.80
C VAL A 71 18.51 33.08 -0.58
N SER A 72 19.21 32.06 -0.09
CA SER A 72 18.70 31.32 1.05
C SER A 72 19.76 30.91 2.06
N SER A 73 19.35 30.90 3.33
CA SER A 73 20.23 30.52 4.40
C SER A 73 19.95 29.08 4.85
N GLY A 74 19.40 28.26 3.96
CA GLY A 74 19.11 26.88 4.32
C GLY A 74 18.51 25.94 3.28
N ASN A 75 17.36 25.38 3.64
CA ASN A 75 16.64 24.40 2.82
C ASN A 75 16.19 24.85 1.42
N HIS A 76 15.82 26.11 1.26
CA HIS A 76 15.40 26.60 -0.05
C HIS A 76 16.56 26.47 -1.04
N ALA A 77 17.78 26.67 -0.57
CA ALA A 77 18.96 26.56 -1.44
C ALA A 77 19.04 25.19 -2.08
N GLN A 78 18.84 24.14 -1.27
CA GLN A 78 18.89 22.78 -1.77
C GLN A 78 17.75 22.52 -2.75
N GLY A 79 16.57 23.07 -2.44
CA GLY A 79 15.42 22.91 -3.31
C GLY A 79 15.68 23.46 -4.69
N VAL A 80 16.14 24.70 -4.75
CA VAL A 80 16.44 25.34 -6.02
C VAL A 80 17.52 24.60 -6.78
N ALA A 81 18.57 24.17 -6.08
CA ALA A 81 19.65 23.43 -6.71
C ALA A 81 19.11 22.15 -7.32
N TYR A 82 18.21 21.49 -6.58
CA TYR A 82 17.62 20.24 -7.07
C TYR A 82 16.77 20.57 -8.30
N ALA A 83 15.95 21.60 -8.20
CA ALA A 83 15.11 22.02 -9.32
C ALA A 83 15.97 22.27 -10.56
N ALA A 84 17.14 22.89 -10.34
CA ALA A 84 18.06 23.17 -11.44
C ALA A 84 18.62 21.90 -12.10
N GLN A 85 18.73 20.83 -11.32
CA GLN A 85 19.23 19.56 -11.85
C GLN A 85 18.15 18.99 -12.76
N VAL A 86 16.90 19.13 -12.35
CA VAL A 86 15.78 18.62 -13.12
C VAL A 86 15.67 19.32 -14.47
N LEU A 87 15.75 20.65 -14.47
CA LEU A 87 15.66 21.43 -15.71
C LEU A 87 16.91 21.27 -16.56
N GLY A 88 18.03 20.97 -15.92
CA GLY A 88 19.27 20.82 -16.65
C GLY A 88 19.99 22.13 -16.80
N VAL A 89 19.69 23.10 -15.94
CA VAL A 89 20.33 24.41 -15.98
C VAL A 89 21.21 24.60 -14.74
N LYS A 90 21.93 25.71 -14.70
CA LYS A 90 22.79 25.98 -13.56
C LYS A 90 22.04 26.70 -12.46
N ALA A 91 22.51 26.54 -11.24
CA ALA A 91 21.89 27.18 -10.10
C ALA A 91 22.96 28.01 -9.40
N LEU A 92 22.56 29.20 -8.97
CA LEU A 92 23.46 30.11 -8.28
C LEU A 92 22.80 30.44 -6.96
N VAL A 93 23.49 30.16 -5.86
CA VAL A 93 22.93 30.40 -4.56
C VAL A 93 23.79 31.38 -3.77
N VAL A 94 23.15 32.42 -3.25
CA VAL A 94 23.84 33.43 -2.48
C VAL A 94 23.52 33.21 -1.00
N MET A 95 24.54 33.02 -0.19
CA MET A 95 24.35 32.82 1.24
C MET A 95 25.48 33.54 1.97
N PRO A 96 25.19 34.09 3.16
CA PRO A 96 26.22 34.80 3.93
C PRO A 96 27.40 33.88 4.21
N GLU A 97 28.60 34.45 4.38
CA GLU A 97 29.78 33.62 4.62
C GLU A 97 29.83 33.02 6.02
N ASP A 98 28.74 33.13 6.78
CA ASP A 98 28.69 32.58 8.12
C ASP A 98 27.88 31.28 8.13
N PRO A 101 27.72 27.47 7.74
CA PRO A 101 27.61 26.10 8.31
C PRO A 101 28.03 25.05 7.29
N TYR A 102 27.38 23.90 7.33
CA TYR A 102 27.67 22.80 6.41
C TYR A 102 26.58 22.81 5.35
N LYS A 103 25.51 23.54 5.64
CA LYS A 103 24.37 23.67 4.74
C LYS A 103 24.80 24.13 3.36
N LYS A 104 26.00 24.70 3.29
CA LYS A 104 26.56 25.17 2.02
C LYS A 104 27.04 23.96 1.23
N ALA A 105 27.48 22.94 1.97
CA ALA A 105 27.99 21.71 1.35
C ALA A 105 26.89 20.98 0.60
N CYS A 106 25.70 20.90 1.20
CA CYS A 106 24.59 20.21 0.55
C CYS A 106 24.14 20.91 -0.72
N ALA A 107 24.10 22.25 -0.68
CA ALA A 107 23.70 23.00 -1.85
C ALA A 107 24.67 22.71 -2.98
N ARG A 108 25.97 22.75 -2.65
CA ARG A 108 27.00 22.49 -3.63
C ARG A 108 26.95 21.02 -4.07
N ALA A 109 26.39 20.18 -3.20
CA ALA A 109 26.25 18.76 -3.50
C ALA A 109 25.32 18.62 -4.70
N TYR A 110 24.20 19.35 -4.66
CA TYR A 110 23.24 19.29 -5.75
C TYR A 110 23.76 20.03 -6.97
N GLY A 111 25.06 20.35 -6.95
CA GLY A 111 25.70 21.03 -8.06
C GLY A 111 25.52 22.53 -8.18
N ALA A 112 25.08 23.17 -7.12
CA ALA A 112 24.88 24.62 -7.16
C ALA A 112 26.14 25.38 -6.79
N GLU A 113 26.35 26.51 -7.47
CA GLU A 113 27.49 27.37 -7.19
C GLU A 113 27.04 28.31 -6.07
N VAL A 114 27.84 28.43 -5.04
CA VAL A 114 27.50 29.29 -3.91
C VAL A 114 28.33 30.55 -3.85
N VAL A 115 27.66 31.69 -3.87
CA VAL A 115 28.34 32.98 -3.79
C VAL A 115 28.38 33.34 -2.31
N ASP A 116 29.55 33.18 -1.72
CA ASP A 116 29.78 33.43 -0.29
C ASP A 116 30.48 34.75 0.01
N ARG A 117 31.56 35.00 -0.74
CA ARG A 117 32.41 36.19 -0.59
C ARG A 117 31.76 37.45 -0.03
N GLY A 118 32.33 37.94 1.08
CA GLY A 118 31.84 39.15 1.72
C GLY A 118 30.33 39.31 1.77
N VAL A 119 29.60 38.20 1.70
CA VAL A 119 28.15 38.29 1.74
C VAL A 119 27.67 38.19 3.18
N THR A 120 26.65 38.99 3.50
CA THR A 120 26.08 38.99 4.84
C THR A 120 24.60 39.27 4.70
N ALA A 121 23.89 39.31 5.83
CA ALA A 121 22.47 39.61 5.81
C ALA A 121 22.33 41.10 5.46
N LYS A 122 21.17 41.50 4.96
CA LYS A 122 20.91 42.89 4.58
C LYS A 122 21.68 43.23 3.30
N ASN A 123 22.85 42.61 3.16
CA ASN A 123 23.74 42.79 2.02
C ASN A 123 23.47 41.73 0.94
N ARG A 124 22.99 40.57 1.37
CA ARG A 124 22.71 39.45 0.46
C ARG A 124 21.72 39.77 -0.67
N GLU A 125 20.63 40.46 -0.34
CA GLU A 125 19.63 40.83 -1.34
C GLU A 125 20.21 41.67 -2.47
N GLU A 126 21.08 42.61 -2.13
CA GLU A 126 21.71 43.49 -3.12
C GLU A 126 22.67 42.69 -3.98
N VAL A 127 23.37 41.74 -3.36
CA VAL A 127 24.31 40.90 -4.09
C VAL A 127 23.58 40.03 -5.12
N ALA A 128 22.43 39.50 -4.72
CA ALA A 128 21.63 38.66 -5.59
C ALA A 128 21.00 39.45 -6.72
N ARG A 129 20.50 40.64 -6.39
CA ARG A 129 19.89 41.51 -7.40
C ARG A 129 20.94 41.78 -8.48
N ALA A 130 22.16 42.03 -8.04
CA ALA A 130 23.27 42.30 -8.95
C ALA A 130 23.56 41.08 -9.80
N LEU A 131 23.65 39.90 -9.17
CA LEU A 131 23.93 38.66 -9.88
C LEU A 131 22.85 38.39 -10.90
N GLN A 132 21.62 38.73 -10.53
CA GLN A 132 20.49 38.53 -11.42
C GLN A 132 20.66 39.39 -12.66
N GLU A 133 20.84 40.69 -12.44
CA GLU A 133 21.02 41.68 -13.49
C GLU A 133 22.09 41.18 -14.48
N GLU A 134 23.16 40.65 -13.91
CA GLU A 134 24.29 40.15 -14.69
C GLU A 134 24.10 38.82 -15.42
N THR A 135 23.44 37.85 -14.79
CA THR A 135 23.26 36.54 -15.40
C THR A 135 21.93 36.36 -16.14
N GLY A 136 20.92 37.12 -15.75
CA GLY A 136 19.64 36.99 -16.39
C GLY A 136 18.88 35.79 -15.84
N TYR A 137 19.50 35.07 -14.91
CA TYR A 137 18.89 33.90 -14.29
C TYR A 137 17.61 34.31 -13.58
N ALA A 138 16.67 33.37 -13.48
CA ALA A 138 15.40 33.64 -12.80
C ALA A 138 15.61 33.49 -11.29
N LEU A 139 15.07 34.42 -10.52
CA LEU A 139 15.19 34.38 -9.08
C LEU A 139 13.96 33.67 -8.50
N ILE A 140 14.20 32.65 -7.68
CA ILE A 140 13.11 31.92 -7.06
C ILE A 140 13.03 32.30 -5.59
N HIS A 141 11.99 33.05 -5.24
CA HIS A 141 11.81 33.48 -3.86
C HIS A 141 11.35 32.29 -3.02
N PRO A 142 11.80 32.22 -1.76
CA PRO A 142 11.42 31.12 -0.87
C PRO A 142 9.98 31.08 -0.37
N PHE A 143 9.24 32.17 -0.50
CA PHE A 143 7.86 32.16 -0.01
C PHE A 143 6.92 33.23 -0.54
N ASP A 144 7.46 34.32 -1.10
CA ASP A 144 6.62 35.40 -1.61
C ASP A 144 6.41 35.30 -3.12
N ASP A 145 6.00 34.12 -3.57
CA ASP A 145 5.77 33.87 -4.99
C ASP A 145 4.61 32.88 -5.15
N PRO A 146 3.56 33.27 -5.87
CA PRO A 146 2.39 32.43 -6.09
C PRO A 146 2.66 30.99 -6.50
N LEU A 147 3.62 30.76 -7.40
CA LEU A 147 3.93 29.40 -7.83
C LEU A 147 4.68 28.60 -6.78
N VAL A 148 5.42 29.30 -5.92
CA VAL A 148 6.17 28.66 -4.84
C VAL A 148 5.17 28.24 -3.77
N ILE A 149 4.26 29.14 -3.44
CA ILE A 149 3.23 28.86 -2.45
C ILE A 149 2.30 27.73 -2.92
N ALA A 150 2.00 27.71 -4.21
CA ALA A 150 1.13 26.67 -4.78
C ALA A 150 1.85 25.34 -4.64
N GLY A 151 3.15 25.35 -4.93
CA GLY A 151 3.93 24.15 -4.79
C GLY A 151 3.94 23.63 -3.35
N GLN A 152 4.20 24.51 -2.38
CA GLN A 152 4.24 24.06 -0.99
C GLN A 152 2.88 23.49 -0.59
N GLY A 153 1.83 24.12 -1.11
CA GLY A 153 0.47 23.70 -0.80
C GLY A 153 0.09 22.29 -1.24
N THR A 154 0.86 21.70 -2.16
CA THR A 154 0.56 20.36 -2.63
C THR A 154 0.66 19.36 -1.46
N ALA A 155 1.46 19.69 -0.45
CA ALA A 155 1.60 18.82 0.73
C ALA A 155 0.24 18.72 1.40
N GLY A 156 -0.50 19.82 1.39
CA GLY A 156 -1.84 19.84 1.98
C GLY A 156 -2.84 18.97 1.20
N LEU A 157 -2.68 18.92 -0.13
CA LEU A 157 -3.56 18.10 -0.96
C LEU A 157 -3.31 16.64 -0.68
N GLU A 158 -2.04 16.25 -0.62
CA GLU A 158 -1.68 14.88 -0.34
C GLU A 158 -2.22 14.50 1.04
N LEU A 159 -1.93 15.34 2.02
CA LEU A 159 -2.36 15.11 3.40
C LEU A 159 -3.85 14.73 3.52
N LEU A 160 -4.72 15.51 2.90
CA LEU A 160 -6.15 15.25 2.96
C LEU A 160 -6.51 13.95 2.25
N ALA A 161 -5.85 13.68 1.13
CA ALA A 161 -6.13 12.47 0.37
C ALA A 161 -5.74 11.24 1.22
N GLN A 162 -4.53 11.29 1.78
CA GLN A 162 -4.05 10.21 2.62
C GLN A 162 -4.92 9.99 3.84
N ALA A 163 -5.29 11.08 4.51
CA ALA A 163 -6.15 11.00 5.67
C ALA A 163 -7.50 10.40 5.27
N GLY A 164 -7.98 10.82 4.10
CA GLY A 164 -9.26 10.33 3.62
C GLY A 164 -9.21 8.83 3.39
N ARG A 165 -8.10 8.37 2.82
CA ARG A 165 -7.89 6.97 2.52
C ARG A 165 -7.94 6.11 3.79
N MET A 166 -7.46 6.63 4.92
CA MET A 166 -7.50 5.87 6.15
C MET A 166 -8.75 6.18 6.97
N GLY A 167 -9.59 7.07 6.46
CA GLY A 167 -10.82 7.38 7.15
C GLY A 167 -10.71 8.20 8.44
N VAL A 168 -9.64 8.97 8.57
CA VAL A 168 -9.46 9.80 9.75
C VAL A 168 -9.47 11.28 9.34
N PHE A 169 -10.38 12.04 9.93
CA PHE A 169 -10.49 13.46 9.58
C PHE A 169 -10.00 14.37 10.71
N PRO A 170 -8.80 14.95 10.52
CA PRO A 170 -8.21 15.85 11.53
C PRO A 170 -9.04 17.09 11.87
N GLY A 171 -9.10 17.41 13.15
CA GLY A 171 -9.83 18.58 13.58
C GLY A 171 -8.98 19.81 13.35
N ALA A 172 -7.68 19.62 13.16
CA ALA A 172 -6.78 20.75 12.94
C ALA A 172 -5.46 20.33 12.33
N VAL A 173 -4.88 21.23 11.52
CA VAL A 173 -3.62 20.99 10.86
C VAL A 173 -2.63 22.01 11.44
N LEU A 174 -1.44 21.54 11.81
CA LEU A 174 -0.44 22.40 12.41
C LEU A 174 0.83 22.41 11.57
N ALA A 175 1.35 23.61 11.32
CA ALA A 175 2.57 23.73 10.52
C ALA A 175 3.39 24.92 11.02
N PRO A 176 4.71 24.86 10.84
CA PRO A 176 5.59 25.96 11.28
C PRO A 176 5.42 27.17 10.35
N VAL A 177 5.70 28.37 10.87
CA VAL A 177 5.57 29.59 10.08
C VAL A 177 6.84 30.43 10.08
N GLY A 178 7.37 30.66 8.89
CA GLY A 178 8.55 31.50 8.72
C GLY A 178 8.07 32.65 7.87
N GLY A 179 8.25 32.53 6.55
CA GLY A 179 7.79 33.56 5.64
C GLY A 179 6.30 33.43 5.33
N GLY A 180 5.72 32.27 5.64
CA GLY A 180 4.31 32.06 5.39
C GLY A 180 3.93 31.27 4.14
N GLY A 181 4.92 30.89 3.33
CA GLY A 181 4.64 30.14 2.13
C GLY A 181 3.96 28.79 2.40
N LEU A 182 4.53 28.00 3.30
CA LEU A 182 3.97 26.70 3.64
C LEU A 182 2.55 26.83 4.19
N LEU A 183 2.39 27.69 5.19
CA LEU A 183 1.09 27.87 5.81
C LEU A 183 0.01 28.41 4.88
N ALA A 184 0.38 29.30 3.97
CA ALA A 184 -0.58 29.89 3.03
C ALA A 184 -1.02 28.82 2.04
N GLY A 185 -0.08 28.01 1.59
CA GLY A 185 -0.39 26.95 0.66
C GLY A 185 -1.25 25.85 1.29
N LEU A 186 -0.94 25.54 2.55
CA LEU A 186 -1.66 24.52 3.29
C LEU A 186 -3.06 25.02 3.63
N ALA A 187 -3.15 26.29 3.99
CA ALA A 187 -4.43 26.87 4.34
C ALA A 187 -5.37 26.85 3.13
N THR A 188 -4.79 27.09 1.96
CA THR A 188 -5.58 27.12 0.74
C THR A 188 -6.15 25.73 0.42
N ALA A 189 -5.31 24.71 0.46
CA ALA A 189 -5.77 23.35 0.19
C ALA A 189 -6.86 22.92 1.17
N VAL A 190 -6.59 23.09 2.47
CA VAL A 190 -7.51 22.68 3.53
C VAL A 190 -8.83 23.43 3.55
N LYS A 191 -8.76 24.75 3.55
CA LYS A 191 -9.97 25.55 3.60
C LYS A 191 -10.85 25.38 2.36
N ALA A 192 -10.25 25.06 1.23
CA ALA A 192 -11.01 24.86 0.00
C ALA A 192 -11.90 23.62 0.08
N LEU A 193 -11.42 22.61 0.80
CA LEU A 193 -12.18 21.37 0.93
C LEU A 193 -13.03 21.28 2.20
N SER A 194 -12.48 21.71 3.34
CA SER A 194 -13.24 21.70 4.61
C SER A 194 -12.87 22.89 5.48
N PRO A 195 -13.69 23.96 5.41
CA PRO A 195 -13.50 25.19 6.17
C PRO A 195 -13.61 25.07 7.70
N THR A 196 -14.29 24.04 8.19
CA THR A 196 -14.42 23.91 9.64
C THR A 196 -13.14 23.33 10.24
N THR A 197 -12.25 22.85 9.38
CA THR A 197 -10.98 22.30 9.84
C THR A 197 -10.02 23.44 10.15
N LEU A 198 -9.55 23.49 11.39
CA LEU A 198 -8.64 24.53 11.84
C LEU A 198 -7.25 24.41 11.21
N VAL A 199 -6.69 25.54 10.78
CA VAL A 199 -5.35 25.57 10.22
C VAL A 199 -4.58 26.53 11.13
N LEU A 200 -3.58 26.00 11.81
CA LEU A 200 -2.82 26.79 12.76
C LEU A 200 -1.33 26.77 12.51
N GLY A 201 -0.72 27.94 12.63
CA GLY A 201 0.71 28.04 12.43
C GLY A 201 1.38 27.93 13.81
N VAL A 202 2.68 27.72 13.81
CA VAL A 202 3.42 27.61 15.05
C VAL A 202 4.76 28.30 14.89
N GLU A 203 5.09 29.18 15.81
CA GLU A 203 6.37 29.86 15.73
C GLU A 203 7.05 29.96 17.10
N PRO A 204 8.38 30.10 17.12
CA PRO A 204 9.07 30.21 18.41
C PRO A 204 8.55 31.48 19.08
N GLU A 205 8.33 31.43 20.39
CA GLU A 205 7.84 32.62 21.08
C GLU A 205 8.83 33.78 21.01
N ALA A 206 10.09 33.47 20.74
CA ALA A 206 11.12 34.51 20.64
C ALA A 206 11.13 35.11 19.25
N ALA A 207 10.06 34.86 18.50
CA ALA A 207 9.91 35.36 17.14
C ALA A 207 8.44 35.20 16.77
N ASP A 208 7.57 35.85 17.52
CA ASP A 208 6.14 35.78 17.29
C ASP A 208 5.58 36.92 16.45
N ASP A 209 6.35 37.39 15.47
CA ASP A 209 5.92 38.48 14.61
C ASP A 209 4.70 38.11 13.78
N ALA A 210 4.60 36.84 13.40
CA ALA A 210 3.47 36.37 12.60
C ALA A 210 2.20 36.45 13.45
N LYS A 211 2.28 35.91 14.66
CA LYS A 211 1.15 35.92 15.58
C LYS A 211 0.71 37.36 15.85
N ARG A 212 1.69 38.24 16.04
CA ARG A 212 1.44 39.65 16.29
C ARG A 212 0.81 40.34 15.06
N SER A 213 1.30 40.01 13.87
CA SER A 213 0.78 40.62 12.65
C SER A 213 -0.69 40.30 12.43
N LEU A 214 -1.07 39.04 12.60
CA LEU A 214 -2.46 38.62 12.41
C LEU A 214 -3.40 39.29 13.39
N GLU A 215 -2.92 39.56 14.60
CA GLU A 215 -3.75 40.20 15.60
C GLU A 215 -3.83 41.70 15.32
N ALA A 216 -2.72 42.25 14.81
CA ALA A 216 -2.63 43.66 14.48
C ALA A 216 -3.52 44.03 13.30
N GLY A 217 -3.21 43.46 12.14
CA GLY A 217 -3.99 43.75 10.94
C GLY A 217 -3.06 44.11 9.80
N ARG A 218 -1.76 44.13 10.10
CA ARG A 218 -0.74 44.43 9.11
C ARG A 218 0.54 43.74 9.52
N ILE A 219 1.50 43.68 8.61
CA ILE A 219 2.77 43.03 8.89
C ILE A 219 3.66 43.83 9.83
N LEU A 220 4.19 43.14 10.84
CA LEU A 220 5.09 43.73 11.82
C LEU A 220 6.41 42.98 11.70
N ARG A 221 7.50 43.71 11.48
CA ARG A 221 8.81 43.11 11.33
C ARG A 221 9.60 43.05 12.63
N LEU A 222 10.59 42.16 12.69
CA LEU A 222 11.42 42.02 13.87
C LEU A 222 12.63 42.97 13.77
N GLU A 223 13.06 43.46 14.93
CA GLU A 223 14.21 44.37 15.01
C GLU A 223 15.43 43.74 14.35
N ALA A 224 15.86 42.61 14.88
CA ALA A 224 17.02 41.89 14.37
C ALA A 224 16.78 40.38 14.35
N PRO A 225 17.74 39.60 13.82
CA PRO A 225 17.63 38.14 13.76
C PRO A 225 17.26 37.53 15.11
N PRO A 226 16.09 36.87 15.19
CA PRO A 226 15.62 36.24 16.43
C PRO A 226 16.53 35.15 16.96
N ARG A 227 16.36 34.84 18.24
CA ARG A 227 17.15 33.81 18.90
C ARG A 227 16.32 32.54 19.10
N THR A 228 16.63 31.50 18.33
CA THR A 228 15.90 30.24 18.45
C THR A 228 16.62 29.09 17.78
N ARG A 229 16.27 27.88 18.20
CA ARG A 229 16.87 26.66 17.65
C ARG A 229 16.33 26.43 16.24
N ALA A 230 15.07 26.80 16.02
CA ALA A 230 14.39 26.65 14.74
C ALA A 230 14.93 27.61 13.69
N ASP A 231 16.10 27.27 13.15
CA ASP A 231 16.78 28.10 12.16
C ASP A 231 16.01 28.40 10.87
N GLY A 232 15.07 27.53 10.52
CA GLY A 232 14.30 27.73 9.30
C GLY A 232 13.22 28.78 9.37
N VAL A 233 12.92 29.30 10.55
CA VAL A 233 11.88 30.31 10.67
C VAL A 233 12.36 31.59 11.36
N ARG A 234 13.59 31.99 11.07
CA ARG A 234 14.18 33.20 11.65
C ARG A 234 13.88 34.42 10.76
N THR A 235 12.93 34.26 9.85
CA THR A 235 12.55 35.32 8.94
C THR A 235 12.07 36.53 9.75
N LEU A 236 12.56 37.71 9.40
CA LEU A 236 12.18 38.93 10.12
C LEU A 236 10.71 39.31 10.01
N SER A 237 10.01 38.80 8.99
CA SER A 237 8.60 39.10 8.83
C SER A 237 7.92 38.28 7.74
N LEU A 238 6.59 38.17 7.84
CA LEU A 238 5.81 37.44 6.84
C LEU A 238 6.02 38.11 5.49
N GLY A 239 5.62 37.43 4.42
CA GLY A 239 5.78 37.99 3.08
C GLY A 239 4.58 38.81 2.65
N GLU A 240 4.76 39.62 1.62
CA GLU A 240 3.69 40.48 1.09
C GLU A 240 2.54 39.68 0.51
N ARG A 241 2.87 38.59 -0.18
CA ARG A 241 1.84 37.74 -0.80
C ARG A 241 1.22 36.70 0.13
N THR A 242 1.98 36.27 1.15
CA THR A 242 1.49 35.27 2.09
C THR A 242 0.58 35.85 3.17
N PHE A 243 0.93 37.03 3.67
CA PHE A 243 0.17 37.68 4.73
C PHE A 243 -1.34 37.81 4.48
N PRO A 244 -1.75 38.29 3.30
CA PRO A 244 -3.18 38.41 3.05
C PRO A 244 -3.90 37.05 3.05
N ILE A 245 -3.18 36.00 2.65
CA ILE A 245 -3.76 34.66 2.62
C ILE A 245 -3.95 34.18 4.06
N LEU A 246 -2.92 34.37 4.88
CA LEU A 246 -2.96 33.95 6.28
C LEU A 246 -4.07 34.68 7.01
N ARG A 247 -4.11 35.99 6.84
CA ARG A 247 -5.11 36.82 7.50
C ARG A 247 -6.53 36.32 7.29
N GLU A 248 -6.80 35.72 6.14
CA GLU A 248 -8.15 35.24 5.88
C GLU A 248 -8.35 33.72 5.92
N ARG A 249 -7.29 32.95 5.71
CA ARG A 249 -7.42 31.50 5.70
C ARG A 249 -6.78 30.75 6.89
N VAL A 250 -6.14 31.48 7.79
CA VAL A 250 -5.52 30.87 8.97
C VAL A 250 -6.34 31.18 10.21
N ASP A 251 -6.52 30.19 11.08
CA ASP A 251 -7.30 30.37 12.30
C ASP A 251 -6.50 30.88 13.49
N GLY A 252 -5.19 30.85 13.39
CA GLY A 252 -4.40 31.34 14.49
C GLY A 252 -2.97 30.85 14.49
N ILE A 253 -2.15 31.48 15.32
CA ILE A 253 -0.76 31.09 15.42
C ILE A 253 -0.45 30.80 16.88
N LEU A 254 0.29 29.72 17.11
CA LEU A 254 0.67 29.35 18.46
C LEU A 254 2.16 29.58 18.62
N THR A 255 2.57 29.91 19.84
CA THR A 255 3.98 30.13 20.13
C THR A 255 4.41 29.06 21.13
N VAL A 256 5.63 28.58 21.00
CA VAL A 256 6.15 27.54 21.89
C VAL A 256 7.51 27.90 22.47
N SER A 257 7.73 27.47 23.70
CA SER A 257 9.00 27.73 24.38
C SER A 257 10.10 26.91 23.75
N GLU A 258 11.34 27.38 23.87
CA GLU A 258 12.48 26.66 23.32
C GLU A 258 12.58 25.32 24.07
N GLU A 259 12.05 25.31 25.29
CA GLU A 259 12.06 24.12 26.12
C GLU A 259 11.18 23.05 25.46
N ALA A 260 9.94 23.42 25.17
CA ALA A 260 8.99 22.52 24.53
C ALA A 260 9.52 22.03 23.19
N LEU A 261 10.17 22.92 22.45
CA LEU A 261 10.71 22.53 21.15
C LEU A 261 11.72 21.41 21.30
N LEU A 262 12.62 21.56 22.26
CA LEU A 262 13.65 20.55 22.50
C LEU A 262 13.01 19.20 22.84
N GLU A 263 11.99 19.22 23.69
CA GLU A 263 11.31 17.99 24.08
C GLU A 263 10.62 17.37 22.87
N ALA A 264 10.05 18.23 22.02
CA ALA A 264 9.37 17.77 20.81
C ALA A 264 10.36 16.99 19.95
N GLU A 265 11.53 17.57 19.75
CA GLU A 265 12.57 16.93 18.95
C GLU A 265 13.01 15.61 19.56
N ARG A 266 13.11 15.58 20.90
CA ARG A 266 13.54 14.37 21.59
C ARG A 266 12.54 13.25 21.37
N LEU A 267 11.27 13.56 21.57
CA LEU A 267 10.20 12.58 21.39
C LEU A 267 10.20 11.96 19.98
N LEU A 268 10.34 12.80 18.95
CA LEU A 268 10.35 12.31 17.57
C LEU A 268 11.58 11.46 17.30
N PHE A 269 12.73 11.93 17.78
CA PHE A 269 14.00 11.24 17.61
C PHE A 269 13.98 9.87 18.29
N THR A 270 13.59 9.85 19.56
CA THR A 270 13.58 8.60 20.35
C THR A 270 12.41 7.65 20.12
N ARG A 271 11.19 8.18 20.02
CA ARG A 271 10.01 7.35 19.82
C ARG A 271 9.70 6.93 18.38
N THR A 272 9.89 7.82 17.41
CA THR A 272 9.59 7.48 16.02
C THR A 272 10.82 7.12 15.21
N LYS A 273 12.00 7.38 15.78
CA LYS A 273 13.25 7.10 15.10
C LYS A 273 13.41 7.91 13.80
N GLN A 274 12.78 9.07 13.75
CA GLN A 274 12.87 9.95 12.57
C GLN A 274 13.75 11.18 12.86
N VAL A 275 14.62 11.50 11.90
CA VAL A 275 15.49 12.66 12.03
C VAL A 275 14.71 13.85 11.51
N VAL A 276 14.24 14.69 12.43
CA VAL A 276 13.49 15.88 12.10
C VAL A 276 14.26 17.08 12.65
N GLU A 277 14.52 18.08 11.81
CA GLU A 277 15.25 19.25 12.26
C GLU A 277 14.37 19.99 13.25
N PRO A 278 14.97 20.81 14.12
CA PRO A 278 14.21 21.56 15.13
C PRO A 278 12.97 22.33 14.67
N THR A 279 13.05 23.02 13.54
CA THR A 279 11.90 23.77 13.11
C THR A 279 10.80 22.81 12.61
N GLY A 280 11.19 21.65 12.09
CA GLY A 280 10.21 20.68 11.65
C GLY A 280 9.49 20.05 12.83
N ALA A 281 9.99 20.31 14.04
CA ALA A 281 9.41 19.77 15.27
C ALA A 281 8.44 20.72 15.95
N LEU A 282 8.38 21.97 15.49
CA LEU A 282 7.50 22.97 16.09
C LEU A 282 6.05 22.52 16.26
N PRO A 283 5.47 21.86 15.23
CA PRO A 283 4.08 21.43 15.38
C PRO A 283 3.88 20.50 16.59
N LEU A 284 4.80 19.58 16.82
CA LEU A 284 4.65 18.66 17.96
C LEU A 284 4.81 19.41 19.27
N ALA A 285 5.66 20.43 19.26
CA ALA A 285 5.87 21.25 20.46
C ALA A 285 4.57 21.95 20.84
N ALA A 286 3.83 22.40 19.83
CA ALA A 286 2.57 23.08 20.07
C ALA A 286 1.59 22.16 20.80
N VAL A 287 1.63 20.87 20.50
CA VAL A 287 0.73 19.91 21.15
C VAL A 287 1.15 19.78 22.62
N LEU A 288 2.46 19.69 22.85
CA LEU A 288 2.99 19.57 24.19
C LEU A 288 2.52 20.71 25.09
N GLU A 289 2.59 21.93 24.59
CA GLU A 289 2.20 23.10 25.37
C GLU A 289 0.74 23.54 25.28
N HIS A 290 0.07 23.20 24.19
CA HIS A 290 -1.33 23.62 24.05
C HIS A 290 -2.30 22.48 23.78
N GLY A 291 -1.83 21.25 23.93
CA GLY A 291 -2.70 20.11 23.69
C GLY A 291 -4.11 20.26 24.24
N ALA A 292 -4.23 20.76 25.46
CA ALA A 292 -5.52 20.93 26.11
C ALA A 292 -6.50 21.83 25.36
N ARG A 293 -5.99 22.74 24.54
CA ARG A 293 -6.86 23.64 23.80
C ARG A 293 -7.03 23.24 22.34
N LEU A 294 -6.42 22.14 21.94
CA LEU A 294 -6.50 21.67 20.57
C LEU A 294 -7.45 20.47 20.43
N PRO A 295 -7.99 20.23 19.23
CA PRO A 295 -8.90 19.09 19.04
C PRO A 295 -8.18 17.75 19.27
N GLN A 296 -8.94 16.67 19.27
CA GLN A 296 -8.38 15.33 19.50
C GLN A 296 -7.52 14.74 18.40
N THR A 297 -7.93 14.93 17.16
CA THR A 297 -7.18 14.40 16.02
C THR A 297 -6.48 15.54 15.32
N LEU A 298 -5.15 15.51 15.32
CA LEU A 298 -4.35 16.58 14.72
C LEU A 298 -3.41 16.10 13.63
N ALA A 299 -3.26 16.90 12.58
CA ALA A 299 -2.33 16.57 11.50
C ALA A 299 -1.14 17.50 11.73
N LEU A 300 0.06 16.94 11.78
CA LEU A 300 1.24 17.75 12.01
C LEU A 300 2.14 17.74 10.79
N LEU A 301 2.61 18.92 10.39
CA LEU A 301 3.47 18.99 9.22
C LEU A 301 4.94 18.97 9.60
N LEU A 302 5.59 17.81 9.50
CA LEU A 302 7.02 17.71 9.81
C LEU A 302 7.70 18.28 8.57
N SER A 303 7.98 19.57 8.60
CA SER A 303 8.57 20.30 7.49
C SER A 303 9.95 19.87 6.97
N GLY A 304 10.84 19.42 7.84
CA GLY A 304 12.14 19.04 7.34
C GLY A 304 12.96 18.15 8.25
N GLY A 305 13.97 17.50 7.67
CA GLY A 305 14.82 16.62 8.44
C GLY A 305 16.28 16.95 8.24
N ASN A 306 16.55 18.18 7.79
CA ASN A 306 17.92 18.62 7.54
C ASN A 306 18.69 19.19 8.73
N ARG A 307 18.96 18.37 9.75
CA ARG A 307 19.75 18.84 10.88
C ARG A 307 21.08 18.10 10.78
N ASP A 308 22.17 18.70 11.24
CA ASP A 308 23.46 18.03 11.12
C ASP A 308 23.58 16.80 12.01
N PHE A 309 24.44 15.88 11.59
CA PHE A 309 24.66 14.66 12.34
C PHE A 309 25.48 14.94 13.60
N SER A 310 25.08 14.32 14.71
CA SER A 310 25.78 14.49 15.97
C SER A 310 26.00 13.10 16.56
N PRO A 311 27.26 12.69 16.77
CA PRO A 311 27.54 11.36 17.33
C PRO A 311 26.95 11.14 18.73
N PRO B 2 -24.20 21.11 -6.76
CA PRO B 2 -23.45 21.23 -5.48
C PRO B 2 -22.04 21.73 -5.76
N SER B 3 -21.34 22.14 -4.70
CA SER B 3 -19.97 22.63 -4.85
C SER B 3 -18.97 21.56 -4.44
N LEU B 4 -17.68 21.84 -4.60
CA LEU B 4 -16.65 20.90 -4.24
C LEU B 4 -16.68 20.61 -2.74
N GLN B 5 -16.98 21.62 -1.93
CA GLN B 5 -17.05 21.42 -0.48
C GLN B 5 -18.19 20.47 -0.14
N ASP B 6 -19.29 20.53 -0.90
CA ASP B 6 -20.41 19.64 -0.65
C ASP B 6 -19.98 18.21 -0.85
N LEU B 7 -19.18 17.98 -1.88
CA LEU B 7 -18.70 16.65 -2.20
C LEU B 7 -17.80 16.11 -1.09
N TYR B 8 -16.90 16.95 -0.59
CA TYR B 8 -15.99 16.53 0.47
C TYR B 8 -16.77 16.22 1.74
N ALA B 9 -17.75 17.04 2.06
CA ALA B 9 -18.56 16.82 3.24
C ALA B 9 -19.33 15.52 3.06
N ALA B 10 -19.73 15.23 1.83
CA ALA B 10 -20.46 14.00 1.54
C ALA B 10 -19.52 12.82 1.75
N PHE B 11 -18.26 12.98 1.35
CA PHE B 11 -17.27 11.93 1.50
C PHE B 11 -17.05 11.57 2.97
N ARG B 12 -16.98 12.59 3.80
CA ARG B 12 -16.78 12.44 5.23
C ARG B 12 -17.94 11.67 5.84
N ARG B 13 -19.16 12.00 5.43
CA ARG B 13 -20.33 11.31 5.96
C ARG B 13 -20.40 9.83 5.58
N ILE B 14 -20.01 9.49 4.35
CA ILE B 14 -20.12 8.11 3.88
C ILE B 14 -18.87 7.24 3.93
N ALA B 15 -17.72 7.84 4.19
CA ALA B 15 -16.48 7.09 4.23
C ALA B 15 -16.45 5.82 5.09
N PRO B 16 -16.96 5.87 6.32
CA PRO B 16 -16.90 4.63 7.09
C PRO B 16 -17.84 3.51 6.67
N TYR B 17 -18.79 3.81 5.78
CA TYR B 17 -19.76 2.80 5.34
C TYR B 17 -19.61 2.38 3.88
N THR B 18 -18.59 2.90 3.21
CA THR B 18 -18.35 2.59 1.80
C THR B 18 -16.89 2.23 1.58
N HIS B 19 -16.60 1.57 0.46
CA HIS B 19 -15.24 1.17 0.14
C HIS B 19 -14.52 2.21 -0.72
N ARG B 20 -13.20 2.30 -0.55
CA ARG B 20 -12.39 3.15 -1.39
C ARG B 20 -12.10 2.14 -2.48
N THR B 21 -13.00 2.05 -3.46
CA THR B 21 -12.82 1.08 -4.53
C THR B 21 -11.53 1.35 -5.25
N PRO B 22 -10.88 0.29 -5.75
CA PRO B 22 -9.61 0.42 -6.47
C PRO B 22 -9.71 1.00 -7.88
N LEU B 23 -8.59 1.58 -8.32
CA LEU B 23 -8.48 2.13 -9.66
C LEU B 23 -7.65 1.06 -10.35
N LEU B 24 -8.34 0.16 -11.04
CA LEU B 24 -7.69 -0.95 -11.73
C LEU B 24 -7.06 -0.58 -13.05
N THR B 25 -6.00 -1.29 -13.40
CA THR B 25 -5.33 -1.07 -14.67
C THR B 25 -5.12 -2.46 -15.23
N SER B 26 -5.11 -2.59 -16.56
CA SER B 26 -4.92 -3.87 -17.21
C SER B 26 -4.02 -3.68 -18.42
N ARG B 27 -2.88 -4.37 -18.44
CA ARG B 27 -1.97 -4.27 -19.56
C ARG B 27 -2.59 -4.93 -20.78
N LEU B 28 -3.39 -5.97 -20.55
CA LEU B 28 -4.08 -6.65 -21.64
C LEU B 28 -4.98 -5.68 -22.40
N LEU B 29 -5.86 -5.01 -21.67
CA LEU B 29 -6.78 -4.05 -22.29
C LEU B 29 -6.03 -2.90 -22.92
N ASP B 30 -5.08 -2.34 -22.17
CA ASP B 30 -4.28 -1.23 -22.66
C ASP B 30 -3.67 -1.56 -24.01
N GLY B 31 -3.06 -2.74 -24.09
CA GLY B 31 -2.41 -3.16 -25.31
C GLY B 31 -3.35 -3.49 -26.44
N LEU B 32 -4.53 -3.99 -26.13
CA LEU B 32 -5.49 -4.33 -27.18
C LEU B 32 -6.14 -3.08 -27.76
N LEU B 33 -6.32 -2.06 -26.93
CA LEU B 33 -6.96 -0.83 -27.38
C LEU B 33 -6.01 0.33 -27.63
N GLY B 34 -4.72 0.11 -27.35
CA GLY B 34 -3.74 1.16 -27.57
C GLY B 34 -3.98 2.41 -26.75
N LYS B 35 -4.55 2.25 -25.56
CA LYS B 35 -4.83 3.36 -24.66
C LYS B 35 -4.27 3.02 -23.28
N ARG B 36 -4.24 4.00 -22.39
CA ARG B 36 -3.77 3.78 -21.03
C ARG B 36 -5.05 3.94 -20.21
N LEU B 37 -5.71 2.83 -19.90
CA LEU B 37 -6.97 2.88 -19.18
C LEU B 37 -6.89 2.72 -17.67
N LEU B 38 -7.69 3.53 -16.97
CA LEU B 38 -7.77 3.49 -15.51
C LEU B 38 -9.23 3.15 -15.23
N LEU B 39 -9.47 1.99 -14.63
CA LEU B 39 -10.82 1.54 -14.34
C LEU B 39 -11.25 1.74 -12.88
N LYS B 40 -12.11 2.71 -12.64
CA LYS B 40 -12.60 2.97 -11.30
C LYS B 40 -13.64 1.88 -11.04
N ALA B 41 -13.29 0.94 -10.16
CA ALA B 41 -14.13 -0.22 -9.86
C ALA B 41 -15.30 -0.08 -8.92
N GLU B 42 -16.34 0.63 -9.35
CA GLU B 42 -17.50 0.78 -8.49
C GLU B 42 -18.36 -0.48 -8.46
N HIS B 43 -18.02 -1.46 -9.29
CA HIS B 43 -18.79 -2.70 -9.26
C HIS B 43 -18.39 -3.42 -7.96
N LEU B 44 -17.26 -3.00 -7.38
CA LEU B 44 -16.75 -3.58 -6.13
C LEU B 44 -17.18 -2.74 -4.92
N GLN B 45 -18.10 -1.81 -5.16
CA GLN B 45 -18.60 -0.97 -4.10
C GLN B 45 -19.70 -1.70 -3.32
N LYS B 46 -19.98 -1.23 -2.11
CA LYS B 46 -21.04 -1.79 -1.28
C LYS B 46 -22.32 -1.85 -2.14
N THR B 47 -23.03 -2.97 -2.05
CA THR B 47 -24.28 -3.24 -2.78
C THR B 47 -24.15 -3.49 -4.28
N GLY B 48 -22.93 -3.49 -4.79
CA GLY B 48 -22.72 -3.77 -6.20
C GLY B 48 -22.65 -2.60 -7.19
N SER B 49 -22.88 -1.38 -6.73
CA SER B 49 -22.80 -0.21 -7.61
C SER B 49 -22.50 1.06 -6.81
N PHE B 50 -22.21 2.15 -7.53
CA PHE B 50 -21.90 3.43 -6.92
C PHE B 50 -23.09 4.05 -6.18
N LYS B 51 -24.29 3.54 -6.44
CA LYS B 51 -25.52 4.07 -5.82
C LYS B 51 -25.53 4.12 -4.29
N ALA B 52 -24.76 3.24 -3.66
CA ALA B 52 -24.70 3.24 -2.20
C ALA B 52 -24.19 4.61 -1.73
N ARG B 53 -23.27 5.20 -2.48
CA ARG B 53 -22.72 6.51 -2.12
C ARG B 53 -23.80 7.58 -2.02
N GLY B 54 -24.57 7.73 -3.10
CA GLY B 54 -25.61 8.75 -3.10
C GLY B 54 -26.66 8.53 -2.03
N ALA B 55 -27.11 7.28 -1.88
CA ALA B 55 -28.13 6.97 -0.88
C ALA B 55 -27.65 7.29 0.54
N LEU B 56 -26.42 6.89 0.87
CA LEU B 56 -25.88 7.15 2.22
C LEU B 56 -25.64 8.64 2.44
N SER B 57 -25.16 9.34 1.42
CA SER B 57 -24.90 10.77 1.56
C SER B 57 -26.15 11.49 2.02
N LYS B 58 -27.27 11.16 1.39
CA LYS B 58 -28.55 11.78 1.72
C LYS B 58 -29.10 11.29 3.06
N ALA B 59 -29.11 9.97 3.24
CA ALA B 59 -29.64 9.36 4.48
C ALA B 59 -28.92 9.82 5.75
N LEU B 60 -27.60 9.93 5.71
CA LEU B 60 -26.86 10.34 6.89
C LEU B 60 -26.97 11.83 7.22
N ALA B 61 -27.48 12.63 6.28
CA ALA B 61 -27.63 14.05 6.51
C ALA B 61 -29.02 14.37 7.04
N LEU B 62 -29.88 13.35 7.09
CA LEU B 62 -31.24 13.54 7.58
C LEU B 62 -31.26 13.56 9.10
N GLU B 63 -31.99 14.50 9.69
CA GLU B 63 -32.04 14.55 11.13
C GLU B 63 -33.26 13.75 11.63
N ASN B 64 -32.98 12.69 12.36
CA ASN B 64 -33.98 11.81 12.92
C ASN B 64 -35.15 11.45 12.01
N PRO B 65 -34.86 10.76 10.89
CA PRO B 65 -35.89 10.35 9.94
C PRO B 65 -36.56 9.08 10.45
N LYS B 66 -37.85 8.93 10.16
CA LYS B 66 -38.59 7.74 10.60
C LYS B 66 -38.25 6.51 9.78
N GLY B 67 -38.01 6.71 8.48
CA GLY B 67 -37.67 5.62 7.58
C GLY B 67 -37.31 6.18 6.21
N LEU B 68 -36.86 5.31 5.30
CA LEU B 68 -36.49 5.75 3.95
C LEU B 68 -37.42 5.18 2.88
N LEU B 69 -37.71 6.01 1.89
CA LEU B 69 -38.58 5.63 0.78
C LEU B 69 -37.81 5.83 -0.53
N ALA B 70 -37.89 4.86 -1.44
CA ALA B 70 -37.18 4.95 -2.70
C ALA B 70 -38.03 4.49 -3.88
N VAL B 71 -37.92 5.18 -5.02
CA VAL B 71 -38.64 4.82 -6.22
C VAL B 71 -38.20 3.41 -6.58
N SER B 72 -37.31 3.28 -7.57
CA SER B 72 -36.84 1.95 -7.93
C SER B 72 -35.42 1.92 -8.47
N SER B 73 -35.30 1.83 -9.78
CA SER B 73 -34.00 1.78 -10.46
C SER B 73 -33.38 0.39 -10.39
N GLY B 74 -33.47 -0.24 -9.22
CA GLY B 74 -32.89 -1.56 -9.05
C GLY B 74 -31.68 -1.38 -8.16
N ASN B 75 -30.63 -0.77 -8.71
CA ASN B 75 -29.40 -0.53 -7.96
C ASN B 75 -29.64 0.49 -6.85
N HIS B 76 -30.48 1.48 -7.14
CA HIS B 76 -30.78 2.50 -6.14
C HIS B 76 -31.58 1.89 -5.00
N ALA B 77 -32.37 0.87 -5.34
CA ALA B 77 -33.18 0.18 -4.32
C ALA B 77 -32.26 -0.45 -3.28
N GLN B 78 -31.23 -1.16 -3.73
CA GLN B 78 -30.29 -1.79 -2.80
C GLN B 78 -29.53 -0.73 -2.00
N GLY B 79 -29.14 0.35 -2.67
CA GLY B 79 -28.43 1.44 -2.02
C GLY B 79 -29.24 2.01 -0.87
N VAL B 80 -30.52 2.25 -1.11
CA VAL B 80 -31.38 2.81 -0.06
C VAL B 80 -31.58 1.80 1.09
N ALA B 81 -31.76 0.53 0.73
CA ALA B 81 -31.95 -0.54 1.73
C ALA B 81 -30.73 -0.59 2.65
N TYR B 82 -29.54 -0.60 2.05
CA TYR B 82 -28.30 -0.64 2.82
C TYR B 82 -28.24 0.57 3.76
N ALA B 83 -28.51 1.76 3.23
CA ALA B 83 -28.49 2.97 4.04
C ALA B 83 -29.50 2.84 5.17
N ALA B 84 -30.61 2.16 4.90
CA ALA B 84 -31.63 1.97 5.92
C ALA B 84 -31.02 1.14 7.06
N GLN B 85 -30.24 0.13 6.69
CA GLN B 85 -29.60 -0.73 7.69
C GLN B 85 -28.64 0.09 8.53
N VAL B 86 -27.78 0.86 7.87
CA VAL B 86 -26.81 1.70 8.56
C VAL B 86 -27.46 2.62 9.60
N LEU B 87 -28.55 3.28 9.22
CA LEU B 87 -29.24 4.18 10.13
C LEU B 87 -30.09 3.45 11.15
N GLY B 88 -30.40 2.19 10.88
CA GLY B 88 -31.21 1.42 11.80
C GLY B 88 -32.69 1.73 11.68
N VAL B 89 -33.14 2.09 10.48
CA VAL B 89 -34.55 2.39 10.25
C VAL B 89 -35.09 1.48 9.16
N LYS B 90 -36.39 1.56 8.91
CA LYS B 90 -37.02 0.74 7.89
C LYS B 90 -36.93 1.38 6.51
N ALA B 91 -36.86 0.56 5.47
CA ALA B 91 -36.78 1.04 4.09
C ALA B 91 -37.92 0.48 3.26
N LEU B 92 -38.64 1.38 2.59
CA LEU B 92 -39.75 1.00 1.73
C LEU B 92 -39.37 1.35 0.31
N VAL B 93 -39.30 0.33 -0.56
CA VAL B 93 -38.92 0.53 -1.95
C VAL B 93 -40.08 0.24 -2.90
N VAL B 94 -40.33 1.18 -3.80
CA VAL B 94 -41.41 1.06 -4.79
C VAL B 94 -40.85 0.76 -6.17
N MET B 95 -40.74 -0.51 -6.51
CA MET B 95 -40.21 -0.89 -7.82
C MET B 95 -41.31 -1.37 -8.76
N PRO B 96 -41.07 -1.30 -10.09
CA PRO B 96 -42.05 -1.72 -11.10
C PRO B 96 -42.35 -3.22 -11.08
N LYS B 103 -32.14 -7.42 -9.28
CA LYS B 103 -31.91 -6.27 -8.36
C LYS B 103 -33.05 -6.16 -7.35
N LYS B 104 -34.15 -6.87 -7.63
CA LYS B 104 -35.31 -6.86 -6.76
C LYS B 104 -35.07 -7.74 -5.53
N ALA B 105 -34.56 -8.94 -5.78
CA ALA B 105 -34.29 -9.90 -4.71
C ALA B 105 -33.21 -9.38 -3.75
N CYS B 106 -32.19 -8.74 -4.31
CA CYS B 106 -31.10 -8.19 -3.51
C CYS B 106 -31.61 -7.09 -2.59
N ALA B 107 -32.38 -6.17 -3.15
CA ALA B 107 -32.95 -5.06 -2.38
C ALA B 107 -33.77 -5.61 -1.22
N ARG B 108 -34.63 -6.56 -1.54
CA ARG B 108 -35.49 -7.20 -0.55
C ARG B 108 -34.63 -7.84 0.53
N ALA B 109 -33.47 -8.35 0.11
CA ALA B 109 -32.54 -8.99 1.02
C ALA B 109 -32.02 -8.04 2.11
N TYR B 110 -31.48 -6.90 1.70
CA TYR B 110 -30.94 -5.93 2.65
C TYR B 110 -31.92 -5.49 3.73
N GLY B 111 -33.06 -6.16 3.83
CA GLY B 111 -34.04 -5.83 4.84
C GLY B 111 -35.03 -4.76 4.42
N ALA B 112 -35.21 -4.60 3.12
CA ALA B 112 -36.15 -3.60 2.61
C ALA B 112 -37.39 -4.23 1.98
N GLU B 113 -38.56 -3.73 2.34
CA GLU B 113 -39.80 -4.23 1.79
C GLU B 113 -40.00 -3.56 0.43
N VAL B 114 -40.10 -4.38 -0.62
CA VAL B 114 -40.28 -3.87 -1.97
C VAL B 114 -41.75 -3.84 -2.35
N VAL B 115 -42.11 -2.90 -3.21
CA VAL B 115 -43.48 -2.74 -3.68
C VAL B 115 -43.48 -2.20 -5.10
N ASN B 123 -49.04 3.38 -10.90
CA ASN B 123 -47.60 3.10 -11.17
C ASN B 123 -46.70 4.06 -10.38
N ARG B 124 -45.42 3.70 -10.30
CA ARG B 124 -44.40 4.48 -9.59
C ARG B 124 -44.86 5.76 -8.91
N GLU B 125 -44.33 6.90 -9.38
CA GLU B 125 -44.63 8.23 -8.84
C GLU B 125 -45.83 8.33 -7.88
N GLU B 126 -47.02 8.02 -8.36
CA GLU B 126 -48.22 8.10 -7.54
C GLU B 126 -48.17 7.16 -6.34
N VAL B 127 -47.60 5.98 -6.55
CA VAL B 127 -47.49 4.99 -5.48
C VAL B 127 -46.59 5.51 -4.35
N ALA B 128 -45.49 6.16 -4.73
CA ALA B 128 -44.56 6.71 -3.75
C ALA B 128 -45.20 7.87 -2.99
N ARG B 129 -45.78 8.79 -3.74
CA ARG B 129 -46.44 9.96 -3.17
C ARG B 129 -47.39 9.53 -2.04
N ALA B 130 -48.27 8.58 -2.36
CA ALA B 130 -49.24 8.07 -1.39
C ALA B 130 -48.58 7.40 -0.19
N LEU B 131 -47.33 6.96 -0.36
CA LEU B 131 -46.61 6.31 0.73
C LEU B 131 -45.85 7.32 1.56
N GLN B 132 -45.25 8.31 0.90
CA GLN B 132 -44.48 9.35 1.57
C GLN B 132 -45.36 10.07 2.59
N GLU B 133 -46.62 10.25 2.24
CA GLU B 133 -47.57 10.92 3.14
C GLU B 133 -48.10 9.93 4.17
N GLU B 134 -48.24 8.68 3.75
CA GLU B 134 -48.75 7.61 4.60
C GLU B 134 -47.77 7.18 5.69
N THR B 135 -46.51 6.98 5.32
CA THR B 135 -45.48 6.54 6.28
C THR B 135 -44.68 7.71 6.85
N GLY B 136 -44.51 8.76 6.05
CA GLY B 136 -43.77 9.91 6.50
C GLY B 136 -42.27 9.69 6.38
N TYR B 137 -41.89 8.70 5.58
CA TYR B 137 -40.48 8.42 5.39
C TYR B 137 -39.84 9.46 4.49
N ALA B 138 -38.51 9.49 4.48
CA ALA B 138 -37.77 10.44 3.66
C ALA B 138 -37.61 9.87 2.26
N LEU B 139 -38.00 10.64 1.26
CA LEU B 139 -37.88 10.20 -0.12
C LEU B 139 -36.45 10.44 -0.58
N ILE B 140 -35.82 9.41 -1.14
CA ILE B 140 -34.46 9.52 -1.63
C ILE B 140 -34.48 9.24 -3.13
N HIS B 141 -34.43 10.32 -3.90
CA HIS B 141 -34.47 10.24 -5.36
C HIS B 141 -33.15 9.65 -5.85
N PRO B 142 -33.22 8.83 -6.91
CA PRO B 142 -32.01 8.21 -7.44
C PRO B 142 -30.96 9.10 -8.11
N PHE B 143 -31.33 10.34 -8.45
CA PHE B 143 -30.37 11.22 -9.10
C PHE B 143 -30.66 12.72 -9.04
N ASP B 144 -31.92 13.08 -8.84
CA ASP B 144 -32.29 14.48 -8.81
C ASP B 144 -32.35 15.06 -7.41
N ASP B 145 -31.29 14.87 -6.63
CA ASP B 145 -31.20 15.37 -5.27
C ASP B 145 -29.77 15.82 -5.03
N PRO B 146 -29.58 17.08 -4.57
CA PRO B 146 -28.25 17.65 -4.31
C PRO B 146 -27.33 16.76 -3.46
N LEU B 147 -27.85 16.21 -2.37
CA LEU B 147 -27.04 15.36 -1.50
C LEU B 147 -26.69 14.04 -2.19
N VAL B 148 -27.61 13.54 -3.02
CA VAL B 148 -27.38 12.29 -3.75
C VAL B 148 -26.28 12.53 -4.78
N ILE B 149 -26.38 13.66 -5.47
CA ILE B 149 -25.38 14.01 -6.47
C ILE B 149 -24.02 14.21 -5.80
N ALA B 150 -24.00 14.86 -4.66
CA ALA B 150 -22.75 15.08 -3.93
C ALA B 150 -22.13 13.72 -3.61
N GLY B 151 -22.96 12.78 -3.18
CA GLY B 151 -22.47 11.46 -2.85
C GLY B 151 -21.86 10.70 -4.04
N GLN B 152 -22.55 10.70 -5.18
CA GLN B 152 -22.02 10.01 -6.36
C GLN B 152 -20.69 10.62 -6.74
N GLY B 153 -20.60 11.94 -6.57
CA GLY B 153 -19.40 12.67 -6.94
C GLY B 153 -18.15 12.32 -6.15
N THR B 154 -18.34 11.75 -4.95
CA THR B 154 -17.19 11.37 -4.14
C THR B 154 -16.35 10.36 -4.92
N ALA B 155 -16.97 9.64 -5.85
CA ALA B 155 -16.23 8.67 -6.64
C ALA B 155 -15.20 9.40 -7.48
N GLY B 156 -15.51 10.64 -7.83
CA GLY B 156 -14.59 11.44 -8.62
C GLY B 156 -13.43 11.96 -7.78
N LEU B 157 -13.71 12.31 -6.53
CA LEU B 157 -12.67 12.78 -5.62
C LEU B 157 -11.63 11.70 -5.46
N GLU B 158 -12.10 10.48 -5.24
CA GLU B 158 -11.23 9.32 -5.06
C GLU B 158 -10.39 9.05 -6.29
N LEU B 159 -11.06 9.02 -7.45
CA LEU B 159 -10.40 8.76 -8.73
C LEU B 159 -9.19 9.66 -8.94
N LEU B 160 -9.36 10.95 -8.67
CA LEU B 160 -8.26 11.90 -8.84
C LEU B 160 -7.13 11.62 -7.85
N ALA B 161 -7.49 11.34 -6.60
CA ALA B 161 -6.51 11.05 -5.57
C ALA B 161 -5.72 9.81 -5.94
N GLN B 162 -6.42 8.74 -6.32
CA GLN B 162 -5.75 7.51 -6.69
C GLN B 162 -4.86 7.69 -7.91
N ALA B 163 -5.38 8.37 -8.94
CA ALA B 163 -4.58 8.60 -10.14
C ALA B 163 -3.38 9.46 -9.79
N GLY B 164 -3.59 10.42 -8.90
CA GLY B 164 -2.52 11.29 -8.46
C GLY B 164 -1.41 10.49 -7.78
N ARG B 165 -1.81 9.60 -6.88
CA ARG B 165 -0.84 8.76 -6.16
C ARG B 165 -0.01 7.99 -7.18
N MET B 166 -0.67 7.53 -8.24
CA MET B 166 -0.02 6.78 -9.30
C MET B 166 0.80 7.70 -10.21
N GLY B 167 0.54 8.99 -10.14
CA GLY B 167 1.28 9.91 -11.00
C GLY B 167 0.82 9.75 -12.44
N VAL B 168 -0.47 9.46 -12.61
CA VAL B 168 -1.06 9.29 -13.94
C VAL B 168 -2.20 10.29 -14.01
N PHE B 169 -2.18 11.14 -15.02
CA PHE B 169 -3.24 12.13 -15.17
C PHE B 169 -3.98 11.89 -16.48
N PRO B 170 -5.24 11.44 -16.40
CA PRO B 170 -6.04 11.18 -17.60
C PRO B 170 -6.47 12.43 -18.34
N GLY B 171 -6.57 12.32 -19.66
CA GLY B 171 -7.00 13.46 -20.44
C GLY B 171 -8.52 13.52 -20.44
N ALA B 172 -9.15 12.41 -20.06
CA ALA B 172 -10.61 12.34 -20.03
C ALA B 172 -11.19 11.29 -19.07
N VAL B 173 -12.36 11.61 -18.53
CA VAL B 173 -13.10 10.74 -17.63
C VAL B 173 -14.42 10.39 -18.31
N LEU B 174 -14.67 9.09 -18.47
CA LEU B 174 -15.89 8.60 -19.11
C LEU B 174 -16.80 7.86 -18.12
N ALA B 175 -18.06 8.26 -18.08
CA ALA B 175 -19.04 7.62 -17.21
C ALA B 175 -20.37 7.46 -17.93
N PRO B 176 -21.20 6.50 -17.49
CA PRO B 176 -22.51 6.26 -18.12
C PRO B 176 -23.50 7.30 -17.62
N VAL B 177 -24.54 7.55 -18.41
CA VAL B 177 -25.55 8.53 -18.04
C VAL B 177 -26.98 8.05 -18.26
N GLY B 178 -27.79 8.23 -17.23
CA GLY B 178 -29.20 7.89 -17.28
C GLY B 178 -29.89 9.17 -16.81
N GLY B 179 -30.08 9.29 -15.50
CA GLY B 179 -30.68 10.48 -14.95
C GLY B 179 -29.67 11.62 -14.86
N GLY B 180 -28.39 11.28 -14.84
CA GLY B 180 -27.34 12.29 -14.76
C GLY B 180 -26.72 12.54 -13.39
N GLY B 181 -27.16 11.81 -12.37
CA GLY B 181 -26.62 11.99 -11.03
C GLY B 181 -25.14 11.75 -10.93
N LEU B 182 -24.71 10.59 -11.42
CA LEU B 182 -23.30 10.24 -11.40
C LEU B 182 -22.45 11.22 -12.22
N LEU B 183 -22.84 11.50 -13.46
CA LEU B 183 -22.07 12.43 -14.31
C LEU B 183 -21.96 13.81 -13.69
N ALA B 184 -23.07 14.34 -13.18
CA ALA B 184 -23.08 15.65 -12.56
C ALA B 184 -22.12 15.68 -11.37
N GLY B 185 -22.13 14.61 -10.57
CA GLY B 185 -21.25 14.52 -9.41
C GLY B 185 -19.81 14.41 -9.85
N LEU B 186 -19.54 13.53 -10.80
CA LEU B 186 -18.19 13.33 -11.32
C LEU B 186 -17.64 14.64 -11.91
N ALA B 187 -18.47 15.29 -12.75
CA ALA B 187 -18.07 16.54 -13.42
C ALA B 187 -17.70 17.62 -12.40
N THR B 188 -18.51 17.75 -11.35
CA THR B 188 -18.23 18.73 -10.32
C THR B 188 -16.85 18.53 -9.71
N ALA B 189 -16.49 17.27 -9.46
CA ALA B 189 -15.21 16.93 -8.85
C ALA B 189 -14.03 17.21 -9.75
N VAL B 190 -14.11 16.73 -10.98
CA VAL B 190 -13.05 16.90 -11.94
C VAL B 190 -12.79 18.36 -12.35
N LYS B 191 -13.84 19.09 -12.70
CA LYS B 191 -13.70 20.48 -13.15
C LYS B 191 -13.20 21.42 -12.08
N ALA B 192 -13.59 21.16 -10.83
CA ALA B 192 -13.16 22.01 -9.72
C ALA B 192 -11.63 21.92 -9.51
N LEU B 193 -11.04 20.78 -9.84
CA LEU B 193 -9.60 20.57 -9.68
C LEU B 193 -8.79 20.72 -10.97
N SER B 194 -9.26 20.15 -12.07
CA SER B 194 -8.59 20.23 -13.36
C SER B 194 -9.60 20.44 -14.49
N PRO B 195 -9.95 21.71 -14.77
CA PRO B 195 -10.90 22.09 -15.80
C PRO B 195 -10.54 21.68 -17.23
N THR B 196 -9.26 21.40 -17.50
CA THR B 196 -8.86 21.00 -18.83
C THR B 196 -9.10 19.52 -19.10
N THR B 197 -9.42 18.76 -18.05
CA THR B 197 -9.69 17.33 -18.22
C THR B 197 -11.09 17.19 -18.79
N LEU B 198 -11.23 16.44 -19.88
CA LEU B 198 -12.56 16.24 -20.47
C LEU B 198 -13.41 15.32 -19.62
N VAL B 199 -14.68 15.67 -19.44
CA VAL B 199 -15.63 14.86 -18.70
C VAL B 199 -16.70 14.47 -19.74
N LEU B 200 -16.72 13.20 -20.12
CA LEU B 200 -17.67 12.69 -21.11
C LEU B 200 -18.65 11.64 -20.62
N GLY B 201 -19.92 11.83 -20.99
CA GLY B 201 -20.96 10.87 -20.61
C GLY B 201 -21.11 9.88 -21.75
N VAL B 202 -21.66 8.70 -21.47
CA VAL B 202 -21.83 7.70 -22.54
C VAL B 202 -23.25 7.16 -22.47
N GLU B 203 -23.86 7.03 -23.64
CA GLU B 203 -25.24 6.57 -23.77
C GLU B 203 -25.44 5.56 -24.87
N PRO B 204 -26.41 4.65 -24.70
CA PRO B 204 -26.68 3.66 -25.74
C PRO B 204 -27.23 4.52 -26.91
N GLU B 205 -26.84 4.25 -28.14
CA GLU B 205 -27.39 5.06 -29.24
C GLU B 205 -28.91 5.01 -29.29
N ALA B 206 -29.50 3.90 -28.86
CA ALA B 206 -30.96 3.76 -28.87
C ALA B 206 -31.66 4.60 -27.82
N ALA B 207 -30.89 5.24 -26.95
CA ALA B 207 -31.50 6.04 -25.90
C ALA B 207 -30.66 7.28 -25.66
N ASP B 208 -30.44 8.07 -26.71
CA ASP B 208 -29.58 9.24 -26.61
C ASP B 208 -30.25 10.59 -26.35
N ASP B 209 -31.21 10.64 -25.44
CA ASP B 209 -31.87 11.90 -25.11
C ASP B 209 -30.92 12.87 -24.39
N ALA B 210 -29.93 12.35 -23.66
CA ALA B 210 -28.99 13.22 -22.94
C ALA B 210 -28.13 13.97 -23.94
N LYS B 211 -27.57 13.25 -24.91
CA LYS B 211 -26.75 13.87 -25.92
C LYS B 211 -27.54 14.94 -26.68
N ARG B 212 -28.79 14.64 -27.01
CA ARG B 212 -29.64 15.57 -27.74
C ARG B 212 -30.03 16.76 -26.87
N SER B 213 -30.26 16.51 -25.59
CA SER B 213 -30.62 17.57 -24.65
C SER B 213 -29.49 18.59 -24.49
N LEU B 214 -28.26 18.08 -24.38
CA LEU B 214 -27.07 18.91 -24.21
C LEU B 214 -26.79 19.79 -25.43
N GLU B 215 -26.98 19.22 -26.62
CA GLU B 215 -26.72 19.97 -27.84
C GLU B 215 -27.78 21.04 -28.07
N ALA B 216 -29.03 20.74 -27.71
CA ALA B 216 -30.11 21.69 -27.90
C ALA B 216 -30.28 22.66 -26.74
N GLY B 217 -29.61 22.38 -25.62
CA GLY B 217 -29.70 23.25 -24.46
C GLY B 217 -31.01 23.14 -23.71
N ARG B 218 -31.76 22.09 -24.00
CA ARG B 218 -33.05 21.85 -23.36
C ARG B 218 -33.23 20.37 -23.10
N ILE B 219 -33.98 20.04 -22.07
CA ILE B 219 -34.22 18.64 -21.74
C ILE B 219 -35.25 18.03 -22.69
N LEU B 220 -34.81 17.07 -23.48
CA LEU B 220 -35.67 16.36 -24.41
C LEU B 220 -35.98 15.01 -23.76
N ARG B 221 -37.19 14.51 -23.95
CA ARG B 221 -37.60 13.26 -23.35
C ARG B 221 -37.85 12.18 -24.39
N LEU B 222 -37.55 10.93 -24.03
CA LEU B 222 -37.78 9.82 -24.94
C LEU B 222 -39.27 9.50 -24.90
N GLU B 223 -39.86 9.24 -26.07
CA GLU B 223 -41.28 8.92 -26.13
C GLU B 223 -41.63 7.68 -25.32
N ALA B 224 -40.84 6.63 -25.48
CA ALA B 224 -41.10 5.38 -24.77
C ALA B 224 -39.83 4.69 -24.31
N PRO B 225 -39.95 3.71 -23.39
CA PRO B 225 -38.80 2.96 -22.88
C PRO B 225 -37.92 2.55 -24.05
N PRO B 226 -36.63 2.94 -24.02
CA PRO B 226 -35.65 2.64 -25.06
C PRO B 226 -35.73 1.25 -25.66
N ARG B 227 -34.75 0.42 -25.28
CA ARG B 227 -34.59 -0.94 -25.74
C ARG B 227 -33.09 -1.07 -25.88
N THR B 228 -32.45 -1.30 -24.75
CA THR B 228 -31.01 -1.43 -24.70
C THR B 228 -30.73 -2.41 -23.59
N ARG B 229 -29.61 -3.13 -23.67
CA ARG B 229 -29.27 -4.06 -22.61
C ARG B 229 -28.70 -3.32 -21.40
N ALA B 230 -28.46 -2.02 -21.53
CA ALA B 230 -27.95 -1.20 -20.42
C ALA B 230 -29.16 -0.79 -19.59
N ASP B 231 -29.73 -1.76 -18.88
CA ASP B 231 -30.94 -1.53 -18.09
C ASP B 231 -30.86 -0.43 -17.03
N GLY B 232 -29.66 0.00 -16.69
CA GLY B 232 -29.51 1.03 -15.68
C GLY B 232 -29.73 2.45 -16.16
N VAL B 233 -29.71 2.65 -17.48
CA VAL B 233 -29.89 3.99 -18.04
C VAL B 233 -31.05 4.06 -19.05
N ARG B 234 -32.16 3.40 -18.75
CA ARG B 234 -33.33 3.42 -19.63
C ARG B 234 -34.22 4.61 -19.27
N THR B 235 -33.63 5.57 -18.56
CA THR B 235 -34.32 6.78 -18.12
C THR B 235 -34.95 7.54 -19.30
N LEU B 236 -36.16 8.04 -19.10
CA LEU B 236 -36.85 8.76 -20.17
C LEU B 236 -36.23 10.14 -20.42
N SER B 237 -35.61 10.71 -19.39
CA SER B 237 -34.96 12.01 -19.53
C SER B 237 -34.02 12.32 -18.37
N LEU B 238 -33.18 13.33 -18.57
CA LEU B 238 -32.23 13.77 -17.55
C LEU B 238 -33.04 14.44 -16.46
N GLY B 239 -32.48 14.48 -15.25
CA GLY B 239 -33.17 15.12 -14.14
C GLY B 239 -33.13 16.64 -14.25
N GLU B 240 -34.06 17.31 -13.60
CA GLU B 240 -34.12 18.77 -13.64
C GLU B 240 -32.96 19.43 -12.92
N ARG B 241 -32.45 18.78 -11.87
CA ARG B 241 -31.34 19.33 -11.10
C ARG B 241 -29.98 18.98 -11.72
N THR B 242 -29.91 17.85 -12.40
CA THR B 242 -28.66 17.42 -13.02
C THR B 242 -28.36 18.09 -14.37
N PHE B 243 -29.40 18.37 -15.16
CA PHE B 243 -29.20 18.98 -16.48
C PHE B 243 -28.37 20.28 -16.49
N PRO B 244 -28.71 21.26 -15.64
CA PRO B 244 -27.94 22.51 -15.62
C PRO B 244 -26.46 22.34 -15.27
N ILE B 245 -26.17 21.35 -14.42
CA ILE B 245 -24.79 21.08 -14.02
C ILE B 245 -24.08 20.51 -15.24
N LEU B 246 -24.75 19.60 -15.95
CA LEU B 246 -24.15 18.97 -17.13
C LEU B 246 -23.89 20.03 -18.21
N ARG B 247 -24.83 20.95 -18.36
CA ARG B 247 -24.70 22.03 -19.34
C ARG B 247 -23.43 22.84 -19.07
N GLU B 248 -23.17 23.10 -17.80
CA GLU B 248 -22.01 23.87 -17.42
C GLU B 248 -20.69 23.13 -17.31
N ARG B 249 -20.73 21.85 -16.93
CA ARG B 249 -19.47 21.14 -16.72
C ARG B 249 -19.11 19.92 -17.56
N VAL B 250 -20.05 19.39 -18.32
CA VAL B 250 -19.77 18.23 -19.16
C VAL B 250 -19.38 18.66 -20.58
N ASP B 251 -18.31 18.10 -21.10
CA ASP B 251 -17.82 18.46 -22.43
C ASP B 251 -18.62 17.85 -23.58
N GLY B 252 -19.21 16.68 -23.34
CA GLY B 252 -19.99 16.05 -24.38
C GLY B 252 -20.51 14.70 -23.97
N ILE B 253 -21.31 14.09 -24.83
CA ILE B 253 -21.88 12.78 -24.58
C ILE B 253 -21.71 11.94 -25.84
N LEU B 254 -21.13 10.75 -25.68
CA LEU B 254 -20.90 9.85 -26.80
C LEU B 254 -21.95 8.75 -26.73
N THR B 255 -22.34 8.24 -27.89
CA THR B 255 -23.33 7.19 -27.96
C THR B 255 -22.65 5.94 -28.51
N VAL B 256 -23.15 4.77 -28.13
CA VAL B 256 -22.57 3.52 -28.58
C VAL B 256 -23.64 2.53 -29.02
N SER B 257 -23.26 1.65 -29.93
CA SER B 257 -24.18 0.63 -30.44
C SER B 257 -24.27 -0.50 -29.41
N GLU B 258 -25.34 -1.30 -29.53
CA GLU B 258 -25.54 -2.43 -28.64
C GLU B 258 -24.43 -3.45 -28.85
N GLU B 259 -24.00 -3.58 -30.10
CA GLU B 259 -22.96 -4.52 -30.48
C GLU B 259 -21.67 -4.20 -29.71
N ALA B 260 -21.27 -2.93 -29.73
CA ALA B 260 -20.05 -2.48 -29.06
C ALA B 260 -20.16 -2.62 -27.54
N LEU B 261 -21.37 -2.48 -27.00
CA LEU B 261 -21.58 -2.62 -25.57
C LEU B 261 -21.31 -4.09 -25.20
N LEU B 262 -21.87 -5.00 -25.99
CA LEU B 262 -21.70 -6.42 -25.75
C LEU B 262 -20.22 -6.78 -25.79
N GLU B 263 -19.51 -6.25 -26.79
CA GLU B 263 -18.07 -6.50 -26.92
C GLU B 263 -17.31 -5.97 -25.70
N ALA B 264 -17.73 -4.84 -25.16
CA ALA B 264 -17.07 -4.24 -24.01
C ALA B 264 -17.25 -5.16 -22.80
N GLU B 265 -18.46 -5.63 -22.59
CA GLU B 265 -18.74 -6.55 -21.49
C GLU B 265 -17.85 -7.78 -21.63
N ARG B 266 -17.84 -8.36 -22.83
CA ARG B 266 -17.04 -9.55 -23.07
C ARG B 266 -15.58 -9.33 -22.72
N LEU B 267 -15.07 -8.16 -23.06
CA LEU B 267 -13.68 -7.84 -22.76
C LEU B 267 -13.42 -7.77 -21.26
N LEU B 268 -14.28 -7.10 -20.52
CA LEU B 268 -14.09 -6.99 -19.08
C LEU B 268 -14.18 -8.37 -18.44
N PHE B 269 -15.23 -9.09 -18.80
CA PHE B 269 -15.49 -10.43 -18.30
C PHE B 269 -14.30 -11.35 -18.51
N THR B 270 -13.87 -11.48 -19.76
CA THR B 270 -12.78 -12.38 -20.13
C THR B 270 -11.34 -11.94 -19.88
N ARG B 271 -11.09 -10.64 -19.96
CA ARG B 271 -9.74 -10.13 -19.76
C ARG B 271 -9.38 -9.72 -18.34
N THR B 272 -10.31 -9.07 -17.65
CA THR B 272 -10.06 -8.60 -16.30
C THR B 272 -10.71 -9.49 -15.24
N LYS B 273 -11.50 -10.46 -15.70
CA LYS B 273 -12.19 -11.41 -14.82
C LYS B 273 -13.07 -10.69 -13.81
N GLN B 274 -13.63 -9.57 -14.22
CA GLN B 274 -14.51 -8.78 -13.38
C GLN B 274 -15.94 -8.89 -13.89
N VAL B 275 -16.89 -8.97 -12.97
CA VAL B 275 -18.29 -9.05 -13.34
C VAL B 275 -18.80 -7.63 -13.30
N VAL B 276 -19.10 -7.09 -14.47
CA VAL B 276 -19.62 -5.73 -14.63
C VAL B 276 -20.95 -5.84 -15.37
N GLU B 277 -21.98 -5.21 -14.85
CA GLU B 277 -23.26 -5.29 -15.53
C GLU B 277 -23.16 -4.47 -16.83
N PRO B 278 -24.06 -4.73 -17.79
CA PRO B 278 -24.05 -4.01 -19.07
C PRO B 278 -23.87 -2.49 -19.04
N THR B 279 -24.71 -1.77 -18.30
CA THR B 279 -24.57 -0.32 -18.31
C THR B 279 -23.29 0.18 -17.64
N GLY B 280 -22.63 -0.73 -16.91
CA GLY B 280 -21.39 -0.38 -16.26
C GLY B 280 -20.25 -0.54 -17.25
N ALA B 281 -20.55 -1.16 -18.39
CA ALA B 281 -19.54 -1.35 -19.42
C ALA B 281 -19.59 -0.28 -20.54
N LEU B 282 -20.55 0.63 -20.49
CA LEU B 282 -20.66 1.70 -21.51
C LEU B 282 -19.39 2.49 -21.74
N PRO B 283 -18.67 2.88 -20.66
CA PRO B 283 -17.43 3.64 -20.87
C PRO B 283 -16.42 2.92 -21.76
N LEU B 284 -16.30 1.61 -21.61
CA LEU B 284 -15.36 0.82 -22.42
C LEU B 284 -15.87 0.77 -23.88
N ALA B 285 -17.18 0.63 -24.04
CA ALA B 285 -17.78 0.58 -25.38
C ALA B 285 -17.40 1.84 -26.13
N ALA B 286 -17.49 2.98 -25.44
CA ALA B 286 -17.16 4.27 -26.03
C ALA B 286 -15.72 4.32 -26.56
N VAL B 287 -14.78 3.69 -25.84
CA VAL B 287 -13.39 3.68 -26.28
C VAL B 287 -13.28 2.80 -27.53
N LEU B 288 -14.05 1.72 -27.53
CA LEU B 288 -14.09 0.79 -28.64
C LEU B 288 -14.56 1.49 -29.93
N GLU B 289 -15.59 2.32 -29.82
CA GLU B 289 -16.13 3.01 -30.99
C GLU B 289 -15.58 4.40 -31.29
N HIS B 290 -15.07 5.10 -30.29
CA HIS B 290 -14.56 6.46 -30.51
C HIS B 290 -13.11 6.64 -30.09
N GLY B 291 -12.40 5.55 -29.87
CA GLY B 291 -11.03 5.62 -29.44
C GLY B 291 -10.13 6.62 -30.16
N ALA B 292 -10.22 6.67 -31.49
CA ALA B 292 -9.38 7.56 -32.28
C ALA B 292 -9.60 9.03 -32.00
N ARG B 293 -10.77 9.36 -31.46
CA ARG B 293 -11.08 10.75 -31.17
C ARG B 293 -10.91 11.12 -29.71
N LEU B 294 -10.39 10.20 -28.91
CA LEU B 294 -10.21 10.44 -27.49
C LEU B 294 -8.75 10.52 -27.09
N PRO B 295 -8.46 11.21 -25.98
CA PRO B 295 -7.06 11.28 -25.58
C PRO B 295 -6.48 9.90 -25.24
N GLN B 296 -5.17 9.87 -25.03
CA GLN B 296 -4.43 8.65 -24.73
C GLN B 296 -4.75 8.02 -23.36
N THR B 297 -4.85 8.84 -22.32
CA THR B 297 -5.12 8.32 -20.98
C THR B 297 -6.52 8.62 -20.54
N LEU B 298 -7.28 7.55 -20.31
CA LEU B 298 -8.68 7.66 -19.94
C LEU B 298 -9.05 6.96 -18.64
N ALA B 299 -9.92 7.58 -17.86
CA ALA B 299 -10.39 6.96 -16.64
C ALA B 299 -11.81 6.56 -16.95
N LEU B 300 -12.13 5.29 -16.75
CA LEU B 300 -13.46 4.76 -17.02
C LEU B 300 -14.18 4.42 -15.73
N LEU B 301 -15.41 4.89 -15.61
CA LEU B 301 -16.18 4.61 -14.42
C LEU B 301 -17.00 3.33 -14.57
N LEU B 302 -16.52 2.22 -14.03
CA LEU B 302 -17.28 0.95 -14.11
C LEU B 302 -18.30 1.11 -12.99
N SER B 303 -19.48 1.57 -13.37
CA SER B 303 -20.56 1.90 -12.44
C SER B 303 -21.25 0.85 -11.59
N GLY B 304 -21.27 -0.39 -12.05
CA GLY B 304 -21.97 -1.42 -11.28
C GLY B 304 -21.63 -2.80 -11.76
N GLY B 305 -21.87 -3.79 -10.91
CA GLY B 305 -21.57 -5.15 -11.29
C GLY B 305 -22.73 -6.05 -10.95
N ASN B 306 -23.92 -5.46 -10.85
CA ASN B 306 -25.09 -6.24 -10.50
C ASN B 306 -25.84 -6.87 -11.66
N ARG B 307 -25.23 -7.87 -12.30
CA ARG B 307 -25.88 -8.57 -13.40
C ARG B 307 -26.22 -9.98 -12.90
N ASP B 308 -27.20 -10.61 -13.53
CA ASP B 308 -27.62 -11.93 -13.14
C ASP B 308 -26.56 -12.97 -13.51
N PHE B 309 -26.47 -14.01 -12.70
CA PHE B 309 -25.52 -15.09 -12.96
C PHE B 309 -26.10 -16.02 -14.01
N SER B 310 -25.21 -16.62 -14.80
CA SER B 310 -25.61 -17.58 -15.83
C SER B 310 -24.39 -18.47 -16.05
N PRO B 311 -24.55 -19.78 -15.82
CA PRO B 311 -23.43 -20.73 -16.00
C PRO B 311 -22.78 -20.69 -17.38
N PRO C 2 9.05 -32.33 -5.14
CA PRO C 2 10.19 -31.39 -4.95
C PRO C 2 10.23 -30.96 -3.49
N SER C 3 11.26 -30.20 -3.13
CA SER C 3 11.39 -29.71 -1.76
C SER C 3 11.04 -28.22 -1.71
N LEU C 4 11.11 -27.65 -0.52
CA LEU C 4 10.80 -26.23 -0.36
C LEU C 4 11.79 -25.36 -1.13
N GLN C 5 13.04 -25.81 -1.22
CA GLN C 5 14.05 -25.03 -1.93
C GLN C 5 13.77 -25.03 -3.44
N ASP C 6 13.06 -26.06 -3.92
CA ASP C 6 12.73 -26.14 -5.34
C ASP C 6 11.63 -25.13 -5.64
N LEU C 7 10.66 -25.02 -4.73
CA LEU C 7 9.57 -24.09 -4.91
C LEU C 7 10.10 -22.65 -4.92
N TYR C 8 10.99 -22.33 -4.00
CA TYR C 8 11.53 -20.98 -3.95
C TYR C 8 12.37 -20.74 -5.19
N ALA C 9 13.09 -21.76 -5.63
CA ALA C 9 13.92 -21.63 -6.82
C ALA C 9 12.99 -21.33 -7.99
N ALA C 10 11.84 -22.01 -8.03
CA ALA C 10 10.86 -21.82 -9.08
C ALA C 10 10.30 -20.38 -9.03
N PHE C 11 9.98 -19.90 -7.82
CA PHE C 11 9.45 -18.55 -7.64
C PHE C 11 10.39 -17.50 -8.24
N ARG C 12 11.69 -17.69 -8.02
CA ARG C 12 12.67 -16.75 -8.55
C ARG C 12 12.69 -16.72 -10.07
N ARG C 13 12.61 -17.90 -10.71
CA ARG C 13 12.60 -17.97 -12.17
C ARG C 13 11.39 -17.28 -12.79
N ILE C 14 10.22 -17.50 -12.21
CA ILE C 14 8.95 -16.98 -12.74
C ILE C 14 8.44 -15.64 -12.21
N ALA C 15 8.97 -15.18 -11.08
CA ALA C 15 8.50 -13.94 -10.47
C ALA C 15 8.35 -12.77 -11.45
N PRO C 16 9.38 -12.51 -12.28
CA PRO C 16 9.29 -11.40 -13.23
C PRO C 16 8.21 -11.53 -14.31
N TYR C 17 7.77 -12.76 -14.57
CA TYR C 17 6.77 -12.97 -15.62
C TYR C 17 5.37 -13.30 -15.15
N THR C 18 5.17 -13.29 -13.83
CA THR C 18 3.86 -13.60 -13.28
C THR C 18 3.42 -12.58 -12.26
N HIS C 19 2.13 -12.59 -11.94
CA HIS C 19 1.55 -11.67 -10.97
C HIS C 19 1.56 -12.22 -9.54
N ARG C 20 1.86 -11.34 -8.59
CA ARG C 20 1.81 -11.67 -7.18
C ARG C 20 0.33 -11.53 -6.89
N THR C 21 -0.42 -12.55 -7.29
CA THR C 21 -1.85 -12.61 -7.11
C THR C 21 -2.28 -12.17 -5.71
N PRO C 22 -3.40 -11.44 -5.61
CA PRO C 22 -3.91 -10.95 -4.32
C PRO C 22 -4.66 -12.02 -3.52
N LEU C 23 -4.72 -11.80 -2.21
CA LEU C 23 -5.41 -12.68 -1.29
C LEU C 23 -6.63 -11.88 -0.90
N LEU C 24 -7.77 -12.21 -1.50
CA LEU C 24 -9.00 -11.47 -1.26
C LEU C 24 -9.79 -11.94 -0.04
N THR C 25 -10.50 -10.98 0.56
CA THR C 25 -11.36 -11.29 1.69
C THR C 25 -12.67 -10.59 1.36
N SER C 26 -13.77 -11.17 1.82
CA SER C 26 -15.09 -10.62 1.57
C SER C 26 -15.96 -10.76 2.81
N ARG C 27 -16.43 -9.64 3.33
CA ARG C 27 -17.29 -9.66 4.51
C ARG C 27 -18.64 -10.27 4.22
N LEU C 28 -19.03 -10.29 2.94
CA LEU C 28 -20.31 -10.87 2.56
C LEU C 28 -20.24 -12.39 2.67
N LEU C 29 -19.22 -12.98 2.05
CA LEU C 29 -19.06 -14.43 2.10
C LEU C 29 -18.85 -14.89 3.53
N ASP C 30 -17.93 -14.21 4.23
CA ASP C 30 -17.65 -14.54 5.62
C ASP C 30 -18.94 -14.60 6.43
N GLY C 31 -19.67 -13.49 6.47
CA GLY C 31 -20.91 -13.43 7.21
C GLY C 31 -21.94 -14.45 6.76
N LEU C 32 -21.90 -14.79 5.48
CA LEU C 32 -22.85 -15.75 4.90
C LEU C 32 -22.54 -17.19 5.26
N LEU C 33 -21.26 -17.55 5.28
CA LEU C 33 -20.84 -18.91 5.59
C LEU C 33 -20.38 -19.10 7.02
N GLY C 34 -20.37 -18.03 7.81
CA GLY C 34 -19.94 -18.14 9.19
C GLY C 34 -18.51 -18.61 9.29
N LYS C 35 -17.70 -18.21 8.31
CA LYS C 35 -16.29 -18.57 8.25
C LYS C 35 -15.46 -17.32 8.01
N ARG C 36 -14.14 -17.48 8.04
CA ARG C 36 -13.20 -16.41 7.76
C ARG C 36 -12.46 -16.98 6.57
N LEU C 37 -12.84 -16.54 5.37
CA LEU C 37 -12.24 -17.05 4.15
C LEU C 37 -11.20 -16.15 3.52
N LEU C 38 -10.11 -16.76 3.06
CA LEU C 38 -9.02 -16.05 2.40
C LEU C 38 -8.99 -16.66 0.99
N LEU C 39 -9.24 -15.82 -0.02
CA LEU C 39 -9.28 -16.32 -1.39
C LEU C 39 -8.07 -15.98 -2.23
N LYS C 40 -7.24 -16.98 -2.50
CA LYS C 40 -6.04 -16.79 -3.31
C LYS C 40 -6.55 -16.72 -4.76
N ALA C 41 -6.51 -15.49 -5.31
CA ALA C 41 -7.02 -15.19 -6.64
C ALA C 41 -6.17 -15.54 -7.84
N GLU C 42 -6.04 -16.84 -8.13
CA GLU C 42 -5.24 -17.27 -9.28
C GLU C 42 -5.99 -17.05 -10.59
N HIS C 43 -7.26 -16.67 -10.51
CA HIS C 43 -8.03 -16.40 -11.71
C HIS C 43 -7.53 -15.07 -12.29
N LEU C 44 -6.75 -14.33 -11.48
CA LEU C 44 -6.18 -13.05 -11.88
C LEU C 44 -4.72 -13.22 -12.28
N GLN C 45 -4.29 -14.46 -12.36
CA GLN C 45 -2.93 -14.77 -12.74
C GLN C 45 -2.80 -14.63 -14.26
N LYS C 46 -1.59 -14.45 -14.75
CA LYS C 46 -1.35 -14.33 -16.19
C LYS C 46 -1.97 -15.56 -16.89
N THR C 47 -2.66 -15.31 -18.00
CA THR C 47 -3.35 -16.33 -18.83
C THR C 47 -4.67 -16.81 -18.22
N GLY C 48 -5.03 -16.30 -17.05
CA GLY C 48 -6.29 -16.69 -16.43
C GLY C 48 -6.31 -17.84 -15.44
N SER C 49 -5.15 -18.45 -15.16
CA SER C 49 -5.10 -19.54 -14.18
C SER C 49 -3.68 -19.72 -13.68
N PHE C 50 -3.52 -20.53 -12.63
CA PHE C 50 -2.22 -20.81 -12.02
C PHE C 50 -1.28 -21.56 -12.95
N LYS C 51 -1.84 -22.21 -13.98
CA LYS C 51 -1.02 -22.99 -14.93
C LYS C 51 0.18 -22.22 -15.48
N ALA C 52 0.10 -20.89 -15.53
CA ALA C 52 1.20 -20.09 -16.03
C ALA C 52 2.47 -20.31 -15.20
N ARG C 53 2.31 -20.46 -13.89
CA ARG C 53 3.45 -20.68 -13.00
C ARG C 53 4.22 -21.94 -13.41
N GLY C 54 3.50 -23.07 -13.45
CA GLY C 54 4.12 -24.33 -13.81
C GLY C 54 4.82 -24.33 -15.16
N ALA C 55 4.11 -23.86 -16.18
CA ALA C 55 4.69 -23.82 -17.52
C ALA C 55 5.96 -23.00 -17.53
N LEU C 56 5.89 -21.80 -16.96
CA LEU C 56 7.04 -20.91 -16.89
C LEU C 56 8.18 -21.51 -16.09
N SER C 57 7.85 -22.14 -14.97
CA SER C 57 8.84 -22.75 -14.10
C SER C 57 9.72 -23.72 -14.86
N LYS C 58 9.09 -24.53 -15.70
CA LYS C 58 9.79 -25.53 -16.50
C LYS C 58 10.46 -24.92 -17.73
N ALA C 59 9.73 -24.09 -18.47
CA ALA C 59 10.28 -23.47 -19.68
C ALA C 59 11.59 -22.73 -19.41
N LEU C 60 11.59 -21.88 -18.38
CA LEU C 60 12.77 -21.10 -18.02
C LEU C 60 13.92 -21.95 -17.45
N ALA C 61 13.66 -23.23 -17.25
CA ALA C 61 14.68 -24.13 -16.71
C ALA C 61 15.42 -24.88 -17.82
N LEU C 62 14.87 -24.82 -19.03
CA LEU C 62 15.48 -25.51 -20.17
C LEU C 62 16.65 -24.74 -20.77
N GLU C 63 17.66 -25.46 -21.25
CA GLU C 63 18.82 -24.83 -21.87
C GLU C 63 18.66 -24.89 -23.37
N ASN C 64 18.49 -23.74 -24.00
CA ASN C 64 18.32 -23.68 -25.45
C ASN C 64 17.23 -24.62 -25.92
N PRO C 65 15.96 -24.25 -25.71
CA PRO C 65 14.85 -25.10 -26.14
C PRO C 65 14.48 -24.76 -27.59
N LYS C 66 14.44 -25.77 -28.44
CA LYS C 66 14.08 -25.56 -29.84
C LYS C 66 12.67 -24.98 -29.89
N GLY C 67 11.77 -25.57 -29.10
CA GLY C 67 10.40 -25.13 -29.04
C GLY C 67 9.69 -25.84 -27.90
N LEU C 68 8.45 -25.45 -27.62
CA LEU C 68 7.69 -26.07 -26.55
C LEU C 68 6.51 -26.86 -27.10
N LEU C 69 6.22 -27.99 -26.45
CA LEU C 69 5.13 -28.86 -26.86
C LEU C 69 4.23 -29.19 -25.68
N ALA C 70 2.92 -29.14 -25.91
CA ALA C 70 1.97 -29.43 -24.84
C ALA C 70 0.75 -30.24 -25.30
N VAL C 71 0.32 -31.15 -24.43
CA VAL C 71 -0.85 -31.98 -24.69
C VAL C 71 -2.05 -31.23 -24.11
N SER C 72 -2.78 -30.54 -24.99
CA SER C 72 -3.94 -29.74 -24.59
C SER C 72 -4.92 -30.41 -23.63
N SER C 73 -5.11 -29.76 -22.49
CA SER C 73 -6.04 -30.21 -21.46
C SER C 73 -6.99 -29.04 -21.21
N GLY C 74 -6.49 -27.83 -21.51
CA GLY C 74 -7.29 -26.63 -21.33
C GLY C 74 -6.46 -25.39 -21.02
N ASN C 75 -6.44 -25.03 -19.74
CA ASN C 75 -5.68 -23.87 -19.27
C ASN C 75 -4.18 -24.07 -19.44
N HIS C 76 -3.75 -25.32 -19.47
CA HIS C 76 -2.32 -25.61 -19.62
C HIS C 76 -1.82 -25.18 -20.99
N ALA C 77 -2.69 -25.29 -21.98
CA ALA C 77 -2.34 -24.88 -23.34
C ALA C 77 -1.94 -23.41 -23.34
N GLN C 78 -2.78 -22.58 -22.74
CA GLN C 78 -2.51 -21.15 -22.66
C GLN C 78 -1.23 -20.89 -21.89
N GLY C 79 -1.07 -21.57 -20.75
CA GLY C 79 0.11 -21.40 -19.93
C GLY C 79 1.38 -21.63 -20.72
N VAL C 80 1.41 -22.74 -21.47
CA VAL C 80 2.57 -23.07 -22.29
C VAL C 80 2.78 -22.07 -23.42
N ALA C 81 1.69 -21.51 -23.94
CA ALA C 81 1.78 -20.53 -25.03
C ALA C 81 2.49 -19.27 -24.52
N TYR C 82 2.05 -18.79 -23.36
CA TYR C 82 2.63 -17.59 -22.76
C TYR C 82 4.11 -17.82 -22.46
N ALA C 83 4.45 -19.04 -22.06
CA ALA C 83 5.82 -19.39 -21.76
C ALA C 83 6.70 -19.28 -23.01
N ALA C 84 6.22 -19.87 -24.10
CA ALA C 84 6.95 -19.83 -25.36
C ALA C 84 7.17 -18.37 -25.74
N GLN C 85 6.12 -17.57 -25.60
CA GLN C 85 6.16 -16.16 -25.93
C GLN C 85 7.29 -15.49 -25.15
N VAL C 86 7.30 -15.69 -23.83
CA VAL C 86 8.31 -15.14 -22.96
C VAL C 86 9.72 -15.54 -23.43
N LEU C 87 9.89 -16.81 -23.77
CA LEU C 87 11.19 -17.30 -24.24
C LEU C 87 11.48 -16.81 -25.66
N GLY C 88 10.42 -16.49 -26.40
CA GLY C 88 10.58 -16.02 -27.76
C GLY C 88 10.81 -17.19 -28.69
N VAL C 89 10.09 -18.28 -28.45
CA VAL C 89 10.20 -19.48 -29.25
C VAL C 89 8.81 -19.93 -29.70
N LYS C 90 8.74 -21.06 -30.40
CA LYS C 90 7.46 -21.58 -30.88
C LYS C 90 6.74 -22.51 -29.92
N ALA C 91 5.41 -22.38 -29.88
CA ALA C 91 4.58 -23.21 -29.03
C ALA C 91 3.59 -23.99 -29.90
N LEU C 92 3.48 -25.29 -29.66
CA LEU C 92 2.59 -26.13 -30.43
C LEU C 92 1.83 -27.05 -29.48
N VAL C 93 0.50 -26.91 -29.45
CA VAL C 93 -0.31 -27.74 -28.58
C VAL C 93 -1.24 -28.63 -29.39
N ALA C 130 4.72 -37.15 -30.94
CA ALA C 130 5.46 -37.57 -32.17
C ALA C 130 6.18 -36.39 -32.80
N LEU C 131 5.67 -35.18 -32.56
CA LEU C 131 6.30 -33.99 -33.11
C LEU C 131 7.60 -33.70 -32.35
N GLN C 132 7.82 -34.47 -31.29
CA GLN C 132 9.03 -34.32 -30.49
C GLN C 132 10.23 -34.74 -31.31
N GLU C 133 10.30 -36.04 -31.62
CA GLU C 133 11.39 -36.59 -32.41
C GLU C 133 11.52 -35.78 -33.71
N GLU C 134 10.39 -35.26 -34.16
CA GLU C 134 10.33 -34.47 -35.38
C GLU C 134 11.08 -33.14 -35.24
N THR C 135 10.47 -32.20 -34.52
CA THR C 135 11.05 -30.88 -34.32
C THR C 135 12.04 -30.80 -33.17
N GLY C 136 11.92 -31.73 -32.23
CA GLY C 136 12.81 -31.73 -31.08
C GLY C 136 12.34 -30.82 -29.97
N TYR C 137 11.08 -30.40 -30.04
CA TYR C 137 10.51 -29.51 -29.02
C TYR C 137 10.47 -30.21 -27.66
N ALA C 138 10.42 -29.41 -26.60
CA ALA C 138 10.37 -29.93 -25.24
C ALA C 138 8.91 -30.09 -24.80
N LEU C 139 8.59 -31.26 -24.27
CA LEU C 139 7.23 -31.54 -23.81
C LEU C 139 7.06 -31.05 -22.37
N ILE C 140 5.96 -30.34 -22.12
CA ILE C 140 5.68 -29.84 -20.79
C ILE C 140 4.38 -30.47 -20.31
N HIS C 141 4.49 -31.44 -19.41
CA HIS C 141 3.32 -32.12 -18.88
C HIS C 141 2.56 -31.15 -17.98
N PRO C 142 1.22 -31.25 -17.95
CA PRO C 142 0.39 -30.37 -17.13
C PRO C 142 0.46 -30.56 -15.61
N PHE C 143 1.05 -31.65 -15.13
CA PHE C 143 1.13 -31.87 -13.69
C PHE C 143 2.16 -32.90 -13.21
N ASP C 144 2.56 -33.81 -14.08
CA ASP C 144 3.52 -34.83 -13.69
C ASP C 144 4.93 -34.49 -14.16
N ASP C 145 5.52 -33.51 -13.49
CA ASP C 145 6.87 -33.04 -13.79
C ASP C 145 7.28 -32.21 -12.57
N PRO C 146 8.47 -32.49 -12.02
CA PRO C 146 8.97 -31.77 -10.84
C PRO C 146 8.98 -30.24 -10.94
N LEU C 147 9.54 -29.70 -12.02
CA LEU C 147 9.61 -28.25 -12.20
C LEU C 147 8.22 -27.63 -12.35
N VAL C 148 7.29 -28.39 -12.92
CA VAL C 148 5.93 -27.90 -13.08
C VAL C 148 5.24 -27.87 -11.72
N ILE C 149 5.40 -28.95 -10.96
CA ILE C 149 4.81 -29.04 -9.62
C ILE C 149 5.39 -27.92 -8.77
N ALA C 150 6.69 -27.70 -8.88
CA ALA C 150 7.40 -26.67 -8.13
C ALA C 150 6.85 -25.28 -8.45
N GLY C 151 6.47 -25.09 -9.72
CA GLY C 151 5.93 -23.82 -10.15
C GLY C 151 4.55 -23.55 -9.57
N GLN C 152 3.70 -24.58 -9.57
CA GLN C 152 2.36 -24.43 -9.02
C GLN C 152 2.48 -24.11 -7.53
N GLY C 153 3.46 -24.73 -6.89
CA GLY C 153 3.67 -24.54 -5.46
C GLY C 153 3.96 -23.12 -5.03
N THR C 154 4.53 -22.32 -5.94
CA THR C 154 4.84 -20.93 -5.63
C THR C 154 3.59 -20.22 -5.14
N ALA C 155 2.41 -20.67 -5.59
CA ALA C 155 1.18 -20.05 -5.15
C ALA C 155 1.01 -20.27 -3.65
N GLY C 156 1.52 -21.40 -3.17
CA GLY C 156 1.44 -21.73 -1.76
C GLY C 156 2.37 -20.85 -0.95
N LEU C 157 3.55 -20.56 -1.49
CA LEU C 157 4.50 -19.69 -0.78
C LEU C 157 3.89 -18.30 -0.67
N GLU C 158 3.26 -17.83 -1.74
CA GLU C 158 2.65 -16.50 -1.72
C GLU C 158 1.51 -16.43 -0.71
N LEU C 159 0.66 -17.45 -0.72
CA LEU C 159 -0.49 -17.51 0.19
C LEU C 159 -0.06 -17.29 1.63
N LEU C 160 0.98 -18.01 2.04
CA LEU C 160 1.46 -17.93 3.42
C LEU C 160 2.05 -16.57 3.78
N ALA C 161 2.86 -16.00 2.90
CA ALA C 161 3.45 -14.70 3.16
C ALA C 161 2.35 -13.65 3.27
N GLN C 162 1.37 -13.70 2.37
CA GLN C 162 0.28 -12.75 2.36
C GLN C 162 -0.60 -12.88 3.59
N ALA C 163 -0.90 -14.12 3.99
CA ALA C 163 -1.71 -14.35 5.17
C ALA C 163 -0.92 -13.85 6.38
N GLY C 164 0.38 -14.14 6.39
CA GLY C 164 1.24 -13.71 7.48
C GLY C 164 1.30 -12.19 7.62
N ARG C 165 1.29 -11.47 6.51
CA ARG C 165 1.33 -10.01 6.57
C ARG C 165 0.05 -9.51 7.21
N MET C 166 -1.04 -10.19 6.92
CA MET C 166 -2.35 -9.85 7.45
C MET C 166 -2.49 -10.29 8.90
N GLY C 167 -1.60 -11.16 9.35
CA GLY C 167 -1.69 -11.65 10.71
C GLY C 167 -2.83 -12.64 10.85
N VAL C 168 -3.13 -13.36 9.78
CA VAL C 168 -4.20 -14.36 9.80
C VAL C 168 -3.61 -15.70 9.41
N PHE C 169 -3.84 -16.72 10.23
CA PHE C 169 -3.29 -18.05 9.97
C PHE C 169 -4.39 -19.06 9.75
N PRO C 170 -4.57 -19.51 8.50
CA PRO C 170 -5.61 -20.46 8.16
C PRO C 170 -5.42 -21.86 8.75
N GLY C 171 -6.53 -22.45 9.22
CA GLY C 171 -6.48 -23.78 9.79
C GLY C 171 -6.43 -24.82 8.67
N ALA C 172 -6.86 -24.43 7.47
CA ALA C 172 -6.86 -25.34 6.33
C ALA C 172 -6.78 -24.60 4.99
N VAL C 173 -6.12 -25.23 4.02
CA VAL C 173 -5.97 -24.72 2.66
C VAL C 173 -6.71 -25.73 1.76
N LEU C 174 -7.67 -25.23 0.99
CA LEU C 174 -8.43 -26.08 0.08
C LEU C 174 -8.13 -25.76 -1.37
N ALA C 175 -7.90 -26.80 -2.16
CA ALA C 175 -7.59 -26.65 -3.58
C ALA C 175 -8.23 -27.78 -4.38
N PRO C 176 -8.59 -27.50 -5.65
CA PRO C 176 -9.21 -28.50 -6.52
C PRO C 176 -8.14 -29.49 -6.94
N VAL C 177 -8.55 -30.70 -7.32
CA VAL C 177 -7.59 -31.72 -7.73
C VAL C 177 -7.96 -32.35 -9.05
N GLY C 178 -6.99 -32.41 -9.97
CA GLY C 178 -7.18 -33.01 -11.26
C GLY C 178 -6.08 -34.06 -11.34
N GLY C 179 -4.95 -33.67 -11.90
CA GLY C 179 -3.82 -34.59 -11.99
C GLY C 179 -2.98 -34.50 -10.73
N GLY C 180 -3.26 -33.50 -9.88
CA GLY C 180 -2.53 -33.33 -8.63
C GLY C 180 -1.31 -32.41 -8.60
N GLY C 181 -1.02 -31.71 -9.69
CA GLY C 181 0.13 -30.82 -9.71
C GLY C 181 0.04 -29.68 -8.71
N LEU C 182 -1.09 -28.99 -8.72
CA LEU C 182 -1.35 -27.87 -7.81
C LEU C 182 -1.34 -28.31 -6.34
N LEU C 183 -2.17 -29.31 -6.02
CA LEU C 183 -2.28 -29.84 -4.67
C LEU C 183 -0.93 -30.34 -4.14
N ALA C 184 -0.11 -30.91 -5.02
CA ALA C 184 1.19 -31.42 -4.62
C ALA C 184 2.11 -30.24 -4.30
N GLY C 185 2.09 -29.23 -5.18
CA GLY C 185 2.92 -28.06 -4.98
C GLY C 185 2.50 -27.34 -3.72
N LEU C 186 1.19 -27.15 -3.59
CA LEU C 186 0.62 -26.46 -2.44
C LEU C 186 0.95 -27.17 -1.10
N ALA C 187 0.73 -28.48 -1.05
CA ALA C 187 1.01 -29.27 0.16
C ALA C 187 2.47 -29.11 0.58
N THR C 188 3.37 -29.16 -0.38
CA THR C 188 4.79 -29.03 -0.12
C THR C 188 5.13 -27.71 0.57
N ALA C 189 4.56 -26.61 0.08
CA ALA C 189 4.83 -25.31 0.66
C ALA C 189 4.30 -25.21 2.08
N VAL C 190 3.05 -25.60 2.26
CA VAL C 190 2.39 -25.53 3.54
C VAL C 190 3.01 -26.44 4.61
N LYS C 191 3.14 -27.73 4.31
CA LYS C 191 3.70 -28.68 5.26
C LYS C 191 5.13 -28.34 5.67
N ALA C 192 5.90 -27.77 4.76
CA ALA C 192 7.28 -27.40 5.07
C ALA C 192 7.35 -26.27 6.09
N LEU C 193 6.30 -25.46 6.15
CA LEU C 193 6.29 -24.34 7.07
C LEU C 193 5.42 -24.54 8.31
N SER C 194 4.23 -25.11 8.13
CA SER C 194 3.32 -25.36 9.24
C SER C 194 2.57 -26.67 9.06
N PRO C 195 3.18 -27.78 9.51
CA PRO C 195 2.57 -29.10 9.40
C PRO C 195 1.21 -29.29 10.05
N THR C 196 0.83 -28.39 10.96
CA THR C 196 -0.46 -28.52 11.63
C THR C 196 -1.62 -27.98 10.79
N THR C 197 -1.30 -27.25 9.73
CA THR C 197 -2.33 -26.71 8.84
C THR C 197 -2.85 -27.81 7.92
N LEU C 198 -4.17 -27.98 7.89
CA LEU C 198 -4.77 -29.01 7.03
C LEU C 198 -4.69 -28.63 5.54
N VAL C 199 -4.26 -29.59 4.72
CA VAL C 199 -4.20 -29.37 3.28
C VAL C 199 -5.19 -30.35 2.66
N LEU C 200 -6.35 -29.82 2.26
CA LEU C 200 -7.40 -30.64 1.69
C LEU C 200 -7.63 -30.44 0.19
N GLY C 201 -7.70 -31.55 -0.53
CA GLY C 201 -7.94 -31.48 -1.95
C GLY C 201 -9.45 -31.58 -2.09
N VAL C 202 -9.99 -31.13 -3.22
CA VAL C 202 -11.43 -31.19 -3.45
C VAL C 202 -11.66 -31.63 -4.89
N GLU C 203 -12.66 -32.48 -5.10
CA GLU C 203 -12.96 -32.93 -6.44
C GLU C 203 -14.46 -33.21 -6.56
N PRO C 204 -15.01 -33.12 -7.78
CA PRO C 204 -16.44 -33.38 -7.91
C PRO C 204 -16.73 -34.84 -7.55
N GLU C 205 -17.85 -35.09 -6.89
CA GLU C 205 -18.21 -36.45 -6.48
C GLU C 205 -18.25 -37.44 -7.64
N ALA C 206 -18.63 -36.98 -8.82
CA ALA C 206 -18.72 -37.85 -9.99
C ALA C 206 -17.35 -38.15 -10.60
N ALA C 207 -16.30 -37.66 -9.96
CA ALA C 207 -14.94 -37.88 -10.43
C ALA C 207 -14.00 -37.97 -9.23
N ASP C 208 -14.37 -38.80 -8.26
CA ASP C 208 -13.60 -38.96 -7.04
C ASP C 208 -12.55 -40.06 -7.06
N ASP C 209 -11.67 -40.06 -8.05
CA ASP C 209 -10.63 -41.07 -8.12
C ASP C 209 -9.44 -40.77 -7.22
N ALA C 210 -9.09 -39.49 -7.10
CA ALA C 210 -7.95 -39.11 -6.25
C ALA C 210 -8.26 -39.45 -4.79
N LYS C 211 -9.50 -39.24 -4.38
CA LYS C 211 -9.92 -39.52 -3.02
C LYS C 211 -9.85 -41.02 -2.73
N ARG C 212 -10.38 -41.82 -3.65
CA ARG C 212 -10.36 -43.28 -3.47
C ARG C 212 -8.96 -43.86 -3.69
N SER C 213 -8.11 -43.11 -4.39
CA SER C 213 -6.75 -43.55 -4.63
C SER C 213 -5.96 -43.39 -3.34
N LEU C 214 -6.21 -42.30 -2.62
CA LEU C 214 -5.52 -42.05 -1.37
C LEU C 214 -5.98 -43.07 -0.34
N GLU C 215 -7.25 -43.47 -0.45
CA GLU C 215 -7.84 -44.45 0.46
C GLU C 215 -7.20 -45.82 0.31
N ALA C 216 -6.93 -46.21 -0.94
CA ALA C 216 -6.35 -47.53 -1.22
C ALA C 216 -4.84 -47.53 -1.30
N GLY C 217 -4.20 -46.42 -0.96
CA GLY C 217 -2.76 -46.36 -1.01
C GLY C 217 -2.18 -46.67 -2.39
N ARG C 218 -3.01 -46.59 -3.41
CA ARG C 218 -2.56 -46.84 -4.78
C ARG C 218 -3.44 -46.09 -5.77
N ILE C 219 -2.92 -45.86 -6.96
CA ILE C 219 -3.66 -45.14 -8.00
C ILE C 219 -4.76 -45.93 -8.67
N LEU C 220 -5.98 -45.38 -8.61
CA LEU C 220 -7.14 -45.96 -9.26
C LEU C 220 -7.38 -45.03 -10.45
N ARG C 221 -8.02 -45.51 -11.50
CA ARG C 221 -8.25 -44.68 -12.67
C ARG C 221 -9.67 -44.77 -13.21
N LEU C 222 -10.26 -43.62 -13.53
CA LEU C 222 -11.60 -43.58 -14.09
C LEU C 222 -11.49 -44.25 -15.46
N GLU C 223 -12.49 -45.06 -15.81
CA GLU C 223 -12.44 -45.75 -17.09
C GLU C 223 -12.78 -44.81 -18.24
N ALA C 224 -13.55 -43.77 -17.95
CA ALA C 224 -13.94 -42.79 -18.97
C ALA C 224 -14.11 -41.41 -18.36
N PRO C 225 -13.98 -40.35 -19.17
CA PRO C 225 -14.12 -38.96 -18.69
C PRO C 225 -15.40 -38.75 -17.88
N PRO C 226 -15.26 -38.20 -16.67
CA PRO C 226 -16.43 -37.96 -15.81
C PRO C 226 -17.37 -36.86 -16.29
N ARG C 227 -18.63 -36.97 -15.85
CA ARG C 227 -19.66 -36.01 -16.21
C ARG C 227 -19.75 -34.95 -15.12
N THR C 228 -19.06 -33.84 -15.33
CA THR C 228 -19.04 -32.75 -14.36
C THR C 228 -18.75 -31.41 -15.04
N ARG C 229 -19.23 -30.33 -14.42
CA ARG C 229 -19.04 -28.98 -14.93
C ARG C 229 -17.60 -28.50 -14.76
N ALA C 230 -16.87 -29.11 -13.82
CA ALA C 230 -15.49 -28.72 -13.59
C ALA C 230 -14.57 -29.31 -14.66
N ASP C 231 -14.67 -28.78 -15.88
CA ASP C 231 -13.88 -29.29 -16.99
C ASP C 231 -12.37 -29.31 -16.74
N GLY C 232 -11.91 -28.57 -15.75
CA GLY C 232 -10.49 -28.54 -15.46
C GLY C 232 -9.93 -29.76 -14.74
N VAL C 233 -10.81 -30.55 -14.13
CA VAL C 233 -10.38 -31.74 -13.40
C VAL C 233 -11.05 -33.03 -13.84
N ARG C 234 -11.15 -33.23 -15.16
CA ARG C 234 -11.76 -34.44 -15.70
C ARG C 234 -10.67 -35.47 -15.97
N THR C 235 -9.51 -35.26 -15.38
CA THR C 235 -8.39 -36.16 -15.55
C THR C 235 -8.82 -37.59 -15.20
N LEU C 236 -8.22 -38.56 -15.87
CA LEU C 236 -8.57 -39.97 -15.65
C LEU C 236 -7.97 -40.51 -14.35
N SER C 237 -6.87 -39.91 -13.92
CA SER C 237 -6.22 -40.35 -12.69
C SER C 237 -5.14 -39.36 -12.25
N LEU C 238 -4.64 -39.55 -11.04
CA LEU C 238 -3.58 -38.70 -10.51
C LEU C 238 -2.32 -39.10 -11.25
N GLY C 239 -1.36 -38.18 -11.32
CA GLY C 239 -0.10 -38.50 -11.97
C GLY C 239 0.72 -39.44 -11.10
N GLU C 240 1.71 -40.09 -11.70
CA GLU C 240 2.56 -41.01 -10.95
C GLU C 240 3.58 -40.26 -10.10
N ARG C 241 3.88 -39.02 -10.50
CA ARG C 241 4.84 -38.20 -9.77
C ARG C 241 4.18 -37.36 -8.68
N THR C 242 2.86 -37.21 -8.78
CA THR C 242 2.16 -36.41 -7.78
C THR C 242 1.55 -37.27 -6.68
N PHE C 243 1.07 -38.45 -7.05
CA PHE C 243 0.45 -39.36 -6.09
C PHE C 243 1.23 -39.54 -4.77
N PRO C 244 2.52 -39.88 -4.85
CA PRO C 244 3.30 -40.07 -3.62
C PRO C 244 3.38 -38.84 -2.71
N ILE C 245 3.41 -37.66 -3.30
CA ILE C 245 3.47 -36.44 -2.50
C ILE C 245 2.14 -36.25 -1.78
N LEU C 246 1.06 -36.68 -2.42
CA LEU C 246 -0.27 -36.55 -1.84
C LEU C 246 -0.51 -37.47 -0.64
N ARG C 247 -0.16 -38.74 -0.77
CA ARG C 247 -0.36 -39.67 0.35
C ARG C 247 0.45 -39.24 1.56
N GLU C 248 1.61 -38.66 1.29
CA GLU C 248 2.51 -38.21 2.35
C GLU C 248 2.19 -36.82 2.92
N ARG C 249 1.79 -35.89 2.07
CA ARG C 249 1.53 -34.51 2.54
C ARG C 249 0.11 -33.97 2.50
N VAL C 250 -0.85 -34.73 2.00
CA VAL C 250 -2.22 -34.25 1.95
C VAL C 250 -3.04 -34.91 3.04
N ASP C 251 -3.87 -34.12 3.72
CA ASP C 251 -4.69 -34.62 4.82
C ASP C 251 -5.99 -35.30 4.41
N GLY C 252 -6.39 -35.12 3.15
CA GLY C 252 -7.64 -35.75 2.71
C GLY C 252 -8.24 -35.07 1.49
N ILE C 253 -9.22 -35.74 0.88
CA ILE C 253 -9.91 -35.22 -0.29
C ILE C 253 -11.40 -35.18 -0.02
N LEU C 254 -12.01 -34.03 -0.25
CA LEU C 254 -13.44 -33.88 -0.05
C LEU C 254 -14.14 -33.91 -1.41
N THR C 255 -15.38 -34.42 -1.43
CA THR C 255 -16.14 -34.51 -2.68
C THR C 255 -17.32 -33.55 -2.59
N VAL C 256 -17.73 -33.04 -3.75
CA VAL C 256 -18.82 -32.08 -3.80
C VAL C 256 -19.82 -32.45 -4.89
N SER C 257 -21.08 -32.10 -4.66
CA SER C 257 -22.13 -32.38 -5.64
C SER C 257 -22.13 -31.26 -6.68
N GLU C 258 -22.66 -31.56 -7.86
CA GLU C 258 -22.71 -30.57 -8.94
C GLU C 258 -23.58 -29.40 -8.50
N GLU C 259 -24.55 -29.67 -7.64
CA GLU C 259 -25.44 -28.63 -7.14
C GLU C 259 -24.67 -27.63 -6.28
N ALA C 260 -23.78 -28.16 -5.43
CA ALA C 260 -22.99 -27.32 -4.54
C ALA C 260 -22.00 -26.49 -5.35
N LEU C 261 -21.47 -27.08 -6.41
CA LEU C 261 -20.50 -26.38 -7.25
C LEU C 261 -21.16 -25.14 -7.82
N LEU C 262 -22.28 -25.36 -8.51
CA LEU C 262 -23.03 -24.28 -9.15
C LEU C 262 -23.32 -23.16 -8.18
N GLU C 263 -23.74 -23.50 -6.98
CA GLU C 263 -24.04 -22.48 -5.97
C GLU C 263 -22.78 -21.71 -5.59
N ALA C 264 -21.64 -22.41 -5.53
CA ALA C 264 -20.37 -21.76 -5.20
C ALA C 264 -20.04 -20.75 -6.30
N GLU C 265 -20.21 -21.17 -7.55
CA GLU C 265 -19.94 -20.28 -8.68
C GLU C 265 -20.81 -19.04 -8.56
N ARG C 266 -22.09 -19.26 -8.28
CA ARG C 266 -23.04 -18.16 -8.15
C ARG C 266 -22.64 -17.15 -7.07
N LEU C 267 -22.29 -17.66 -5.89
CA LEU C 267 -21.89 -16.79 -4.79
C LEU C 267 -20.67 -15.96 -5.15
N LEU C 268 -19.69 -16.58 -5.80
CA LEU C 268 -18.49 -15.87 -6.21
C LEU C 268 -18.82 -14.78 -7.24
N PHE C 269 -19.62 -15.17 -8.24
CA PHE C 269 -20.05 -14.28 -9.32
C PHE C 269 -20.75 -13.03 -8.78
N THR C 270 -21.87 -13.27 -8.11
CA THR C 270 -22.71 -12.23 -7.56
C THR C 270 -22.20 -11.48 -6.32
N ARG C 271 -21.49 -12.15 -5.43
CA ARG C 271 -21.00 -11.51 -4.20
C ARG C 271 -19.62 -10.86 -4.27
N THR C 272 -18.67 -11.49 -4.96
CA THR C 272 -17.33 -10.92 -5.08
C THR C 272 -17.12 -10.27 -6.45
N LYS C 273 -18.09 -10.47 -7.35
CA LYS C 273 -18.02 -9.92 -8.69
C LYS C 273 -16.77 -10.40 -9.41
N GLN C 274 -16.36 -11.62 -9.11
CA GLN C 274 -15.17 -12.19 -9.75
C GLN C 274 -15.60 -13.28 -10.70
N VAL C 275 -14.92 -13.37 -11.84
CA VAL C 275 -15.22 -14.40 -12.82
C VAL C 275 -14.36 -15.62 -12.54
N VAL C 276 -14.97 -16.63 -11.93
CA VAL C 276 -14.25 -17.85 -11.60
C VAL C 276 -14.88 -19.02 -12.32
N GLU C 277 -14.07 -19.75 -13.08
CA GLU C 277 -14.58 -20.91 -13.80
C GLU C 277 -15.02 -21.98 -12.80
N PRO C 278 -15.96 -22.85 -13.22
CA PRO C 278 -16.47 -23.91 -12.35
C PRO C 278 -15.42 -24.67 -11.54
N THR C 279 -14.32 -25.02 -12.18
CA THR C 279 -13.27 -25.76 -11.49
C THR C 279 -12.60 -24.94 -10.37
N GLY C 280 -12.58 -23.62 -10.52
CA GLY C 280 -11.95 -22.75 -9.52
C GLY C 280 -12.84 -22.47 -8.33
N ALA C 281 -14.11 -22.85 -8.44
CA ALA C 281 -15.05 -22.63 -7.35
C ALA C 281 -15.22 -23.89 -6.47
N LEU C 282 -14.53 -24.96 -6.80
CA LEU C 282 -14.61 -26.22 -6.03
C LEU C 282 -14.28 -26.02 -4.55
N PRO C 283 -13.21 -25.27 -4.23
CA PRO C 283 -12.89 -25.06 -2.82
C PRO C 283 -14.05 -24.50 -2.01
N LEU C 284 -14.74 -23.51 -2.57
CA LEU C 284 -15.87 -22.88 -1.88
C LEU C 284 -17.07 -23.84 -1.82
N ALA C 285 -17.21 -24.68 -2.82
CA ALA C 285 -18.31 -25.64 -2.84
C ALA C 285 -18.12 -26.58 -1.64
N ALA C 286 -16.87 -26.91 -1.34
CA ALA C 286 -16.54 -27.78 -0.22
C ALA C 286 -16.95 -27.13 1.11
N VAL C 287 -16.80 -25.81 1.22
CA VAL C 287 -17.17 -25.12 2.46
C VAL C 287 -18.69 -25.15 2.63
N LEU C 288 -19.40 -25.13 1.52
CA LEU C 288 -20.86 -25.17 1.55
C LEU C 288 -21.39 -26.52 2.03
N GLU C 289 -20.74 -27.59 1.59
CA GLU C 289 -21.17 -28.93 1.95
C GLU C 289 -20.49 -29.56 3.17
N HIS C 290 -19.32 -29.05 3.55
CA HIS C 290 -18.59 -29.60 4.70
C HIS C 290 -18.17 -28.57 5.73
N GLY C 291 -18.76 -27.39 5.68
CA GLY C 291 -18.39 -26.33 6.60
C GLY C 291 -18.28 -26.73 8.07
N ALA C 292 -19.34 -27.31 8.62
CA ALA C 292 -19.38 -27.74 10.02
C ALA C 292 -18.20 -28.56 10.52
N ARG C 293 -17.49 -29.25 9.62
CA ARG C 293 -16.37 -30.06 10.02
C ARG C 293 -15.01 -29.54 9.56
N LEU C 294 -14.97 -28.27 9.17
CA LEU C 294 -13.74 -27.63 8.71
C LEU C 294 -13.38 -26.52 9.68
N PRO C 295 -12.10 -26.13 9.73
CA PRO C 295 -11.65 -25.06 10.63
C PRO C 295 -12.40 -23.75 10.33
N GLN C 296 -12.35 -22.82 11.27
CA GLN C 296 -13.04 -21.54 11.16
C GLN C 296 -12.42 -20.59 10.12
N THR C 297 -11.10 -20.66 9.97
CA THR C 297 -10.40 -19.79 9.01
C THR C 297 -9.82 -20.66 7.91
N LEU C 298 -10.23 -20.39 6.67
CA LEU C 298 -9.82 -21.18 5.53
C LEU C 298 -9.24 -20.41 4.34
N ALA C 299 -8.19 -20.98 3.74
CA ALA C 299 -7.58 -20.39 2.56
C ALA C 299 -8.11 -21.22 1.39
N LEU C 300 -8.75 -20.55 0.43
CA LEU C 300 -9.30 -21.22 -0.76
C LEU C 300 -8.52 -20.83 -2.00
N LEU C 301 -8.16 -21.81 -2.82
CA LEU C 301 -7.42 -21.49 -4.03
C LEU C 301 -8.33 -21.35 -5.26
N LEU C 302 -8.62 -20.12 -5.66
CA LEU C 302 -9.44 -19.88 -6.85
C LEU C 302 -8.46 -20.11 -7.98
N SER C 303 -8.44 -21.35 -8.47
CA SER C 303 -7.50 -21.81 -9.49
C SER C 303 -7.56 -21.21 -10.89
N GLY C 304 -8.72 -20.69 -11.30
CA GLY C 304 -8.80 -20.13 -12.65
C GLY C 304 -10.07 -19.34 -12.95
N GLY C 305 -10.00 -18.51 -13.98
CA GLY C 305 -11.16 -17.71 -14.34
C GLY C 305 -11.47 -17.81 -15.82
N ASN C 306 -10.98 -18.87 -16.45
CA ASN C 306 -11.22 -19.04 -17.87
C ASN C 306 -12.49 -19.78 -18.18
N ARG C 307 -13.60 -19.07 -17.99
CA ARG C 307 -14.92 -19.60 -18.26
C ARG C 307 -15.50 -18.74 -19.38
N ASP C 308 -16.27 -19.36 -20.26
CA ASP C 308 -16.85 -18.66 -21.39
C ASP C 308 -17.81 -17.54 -20.96
N PHE C 309 -17.80 -16.45 -21.72
CA PHE C 309 -18.67 -15.32 -21.44
C PHE C 309 -20.12 -15.67 -21.80
N SER C 310 -21.04 -15.26 -20.94
CA SER C 310 -22.46 -15.50 -21.16
C SER C 310 -23.19 -14.16 -21.13
N PRO C 311 -23.87 -13.80 -22.23
CA PRO C 311 -24.58 -12.53 -22.28
C PRO C 311 -25.82 -12.55 -21.39
N PRO D 2 17.68 -24.20 15.58
CA PRO D 2 16.22 -24.31 15.39
C PRO D 2 15.94 -24.67 13.93
N SER D 3 14.70 -25.02 13.64
CA SER D 3 14.35 -25.37 12.27
C SER D 3 13.51 -24.29 11.60
N LEU D 4 13.39 -24.37 10.27
CA LEU D 4 12.58 -23.41 9.53
C LEU D 4 11.18 -23.42 10.12
N GLN D 5 10.70 -24.60 10.49
CA GLN D 5 9.38 -24.72 11.10
C GLN D 5 9.34 -24.05 12.47
N ASP D 6 10.47 -23.99 13.15
CA ASP D 6 10.51 -23.34 14.45
C ASP D 6 10.39 -21.84 14.25
N LEU D 7 11.03 -21.32 13.22
CA LEU D 7 10.95 -19.89 12.92
C LEU D 7 9.50 -19.52 12.62
N TYR D 8 8.83 -20.32 11.80
CA TYR D 8 7.44 -20.05 11.45
C TYR D 8 6.52 -20.11 12.67
N ALA D 9 6.73 -21.10 13.54
CA ALA D 9 5.90 -21.21 14.74
C ALA D 9 6.16 -19.94 15.56
N ALA D 10 7.44 -19.56 15.67
CA ALA D 10 7.80 -18.35 16.41
C ALA D 10 7.08 -17.16 15.77
N PHE D 11 7.12 -17.07 14.44
CA PHE D 11 6.47 -15.96 13.74
C PHE D 11 5.01 -15.89 14.16
N ARG D 12 4.34 -17.04 14.17
CA ARG D 12 2.93 -17.10 14.55
C ARG D 12 2.68 -16.66 15.99
N ARG D 13 3.58 -17.01 16.91
CA ARG D 13 3.41 -16.61 18.30
C ARG D 13 3.50 -15.09 18.49
N ILE D 14 4.52 -14.48 17.90
CA ILE D 14 4.76 -13.04 18.07
C ILE D 14 4.10 -12.06 17.09
N ALA D 15 3.58 -12.57 15.98
CA ALA D 15 2.96 -11.71 14.96
C ALA D 15 2.07 -10.58 15.51
N PRO D 16 1.10 -10.93 16.37
CA PRO D 16 0.18 -9.94 16.94
C PRO D 16 0.80 -8.84 17.80
N TYR D 17 1.99 -9.07 18.34
CA TYR D 17 2.60 -8.07 19.21
C TYR D 17 3.84 -7.38 18.64
N THR D 18 4.14 -7.67 17.39
CA THR D 18 5.30 -7.07 16.75
C THR D 18 4.94 -6.45 15.41
N HIS D 19 5.84 -5.61 14.91
CA HIS D 19 5.64 -4.93 13.64
C HIS D 19 6.27 -5.67 12.49
N ARG D 20 5.56 -5.67 11.37
CA ARG D 20 6.07 -6.24 10.14
C ARG D 20 6.79 -4.98 9.64
N THR D 21 8.05 -4.81 10.03
CA THR D 21 8.83 -3.64 9.65
C THR D 21 9.13 -3.55 8.16
N PRO D 22 9.11 -2.33 7.60
CA PRO D 22 9.38 -2.13 6.18
C PRO D 22 10.76 -2.51 5.69
N LEU D 23 10.83 -2.82 4.41
CA LEU D 23 12.08 -3.12 3.75
C LEU D 23 12.28 -1.82 2.97
N LEU D 24 13.09 -0.92 3.53
CA LEU D 24 13.34 0.38 2.91
C LEU D 24 14.36 0.39 1.78
N THR D 25 14.14 1.27 0.82
CA THR D 25 15.06 1.43 -0.30
C THR D 25 15.37 2.92 -0.42
N SER D 26 16.64 3.22 -0.69
CA SER D 26 17.06 4.62 -0.83
C SER D 26 17.80 4.84 -2.14
N ARG D 27 17.15 5.56 -3.04
CA ARG D 27 17.74 5.86 -4.34
C ARG D 27 19.06 6.60 -4.13
N LEU D 28 19.07 7.51 -3.16
CA LEU D 28 20.28 8.27 -2.84
C LEU D 28 21.41 7.32 -2.50
N LEU D 29 21.25 6.56 -1.42
CA LEU D 29 22.28 5.60 -1.00
C LEU D 29 22.70 4.71 -2.15
N ASP D 30 21.72 4.12 -2.83
CA ASP D 30 22.00 3.27 -3.97
C ASP D 30 22.90 4.03 -4.92
N GLY D 31 22.68 5.34 -5.00
CA GLY D 31 23.48 6.17 -5.87
C GLY D 31 24.89 6.41 -5.36
N LEU D 32 25.00 6.78 -4.09
CA LEU D 32 26.31 7.04 -3.48
C LEU D 32 27.20 5.80 -3.55
N LEU D 33 26.61 4.63 -3.32
CA LEU D 33 27.36 3.37 -3.37
C LEU D 33 26.97 2.75 -4.70
N GLY D 34 27.83 1.92 -5.28
CA GLY D 34 27.45 1.31 -6.55
C GLY D 34 26.63 0.07 -6.28
N LYS D 35 25.61 0.21 -5.45
CA LYS D 35 24.78 -0.93 -5.06
C LYS D 35 23.28 -0.68 -5.07
N ARG D 36 22.55 -1.76 -4.81
CA ARG D 36 21.10 -1.73 -4.71
C ARG D 36 20.84 -2.27 -3.30
N LEU D 37 20.56 -1.37 -2.37
CA LEU D 37 20.37 -1.75 -0.97
C LEU D 37 18.94 -1.88 -0.47
N LEU D 38 18.68 -2.96 0.26
CA LEU D 38 17.39 -3.22 0.87
C LEU D 38 17.64 -3.14 2.37
N LEU D 39 17.02 -2.17 3.03
CA LEU D 39 17.24 -1.97 4.46
C LEU D 39 16.08 -2.47 5.33
N LYS D 40 16.30 -3.58 6.03
CA LYS D 40 15.28 -4.14 6.90
C LYS D 40 15.25 -3.23 8.13
N ALA D 41 14.16 -2.51 8.30
CA ALA D 41 14.03 -1.52 9.37
C ALA D 41 13.69 -1.97 10.79
N GLU D 42 14.53 -2.81 11.38
CA GLU D 42 14.28 -3.28 12.74
C GLU D 42 14.41 -2.17 13.80
N HIS D 43 14.83 -0.97 13.38
CA HIS D 43 14.92 0.15 14.31
C HIS D 43 13.51 0.68 14.54
N LEU D 44 12.59 0.26 13.67
CA LEU D 44 11.18 0.65 13.76
C LEU D 44 10.33 -0.44 14.44
N GLN D 45 10.98 -1.46 14.95
CA GLN D 45 10.29 -2.56 15.65
C GLN D 45 9.92 -2.07 17.05
N LYS D 46 8.98 -2.76 17.69
CA LYS D 46 8.59 -2.45 19.07
C LYS D 46 9.85 -2.41 19.93
N THR D 47 9.91 -1.50 20.90
CA THR D 47 11.04 -1.29 21.81
C THR D 47 12.31 -0.71 21.16
N GLY D 48 12.31 -0.59 19.84
CA GLY D 48 13.46 0.00 19.18
C GLY D 48 14.51 -0.92 18.58
N SER D 49 14.29 -2.23 18.65
CA SER D 49 15.24 -3.17 18.10
C SER D 49 14.55 -4.50 17.82
N PHE D 50 15.25 -5.38 17.12
CA PHE D 50 14.73 -6.69 16.80
C PHE D 50 14.53 -7.56 18.04
N LYS D 51 15.27 -7.28 19.12
CA LYS D 51 15.20 -8.05 20.36
C LYS D 51 13.79 -8.37 20.83
N ALA D 52 12.85 -7.47 20.56
CA ALA D 52 11.48 -7.73 20.97
C ALA D 52 11.02 -9.08 20.42
N ARG D 53 11.51 -9.42 19.23
CA ARG D 53 11.14 -10.67 18.57
C ARG D 53 11.53 -11.90 19.40
N GLY D 54 12.82 -12.01 19.73
CA GLY D 54 13.30 -13.13 20.52
C GLY D 54 12.66 -13.25 21.88
N ALA D 55 12.52 -12.12 22.57
CA ALA D 55 11.91 -12.11 23.90
C ALA D 55 10.50 -12.66 23.91
N LEU D 56 9.67 -12.18 22.97
CA LEU D 56 8.29 -12.65 22.89
C LEU D 56 8.19 -14.10 22.44
N SER D 57 9.10 -14.54 21.59
CA SER D 57 9.08 -15.91 21.09
C SER D 57 9.25 -16.88 22.26
N LYS D 58 10.24 -16.61 23.11
CA LYS D 58 10.51 -17.43 24.29
C LYS D 58 9.39 -17.26 25.31
N ALA D 59 9.11 -16.02 25.66
CA ALA D 59 8.08 -15.70 26.66
C ALA D 59 6.67 -16.23 26.37
N LEU D 60 6.23 -16.15 25.12
CA LEU D 60 4.89 -16.62 24.78
C LEU D 60 4.76 -18.15 24.70
N ALA D 61 5.88 -18.86 24.85
CA ALA D 61 5.85 -20.32 24.80
C ALA D 61 5.95 -20.93 26.18
N LEU D 62 6.21 -20.10 27.19
CA LEU D 62 6.31 -20.57 28.57
C LEU D 62 4.94 -20.89 29.13
N GLU D 63 4.84 -22.01 29.83
CA GLU D 63 3.58 -22.41 30.44
C GLU D 63 3.42 -21.75 31.80
N ASN D 64 2.44 -20.86 31.90
CA ASN D 64 2.18 -20.14 33.14
C ASN D 64 3.44 -19.62 33.83
N PRO D 65 4.13 -18.67 33.20
CA PRO D 65 5.36 -18.11 33.78
C PRO D 65 5.01 -17.28 35.01
N LYS D 66 5.88 -17.30 36.02
CA LYS D 66 5.63 -16.51 37.22
C LYS D 66 6.09 -15.08 36.99
N GLY D 67 7.18 -14.94 36.24
CA GLY D 67 7.74 -13.64 35.94
C GLY D 67 8.94 -13.84 35.03
N LEU D 68 9.42 -12.76 34.42
CA LEU D 68 10.56 -12.85 33.53
C LEU D 68 11.79 -12.15 34.11
N LEU D 69 12.96 -12.73 33.84
CA LEU D 69 14.24 -12.19 34.33
C LEU D 69 15.32 -12.45 33.27
N ALA D 70 16.24 -11.51 33.08
CA ALA D 70 17.27 -11.74 32.06
C ALA D 70 18.63 -11.06 32.28
N VAL D 71 19.64 -11.58 31.59
CA VAL D 71 21.00 -11.05 31.65
C VAL D 71 20.99 -9.78 30.81
N SER D 72 20.57 -8.68 31.42
CA SER D 72 20.45 -7.39 30.74
C SER D 72 21.64 -6.94 29.91
N SER D 73 21.45 -6.97 28.59
CA SER D 73 22.49 -6.55 27.65
C SER D 73 22.23 -5.10 27.24
N GLY D 74 20.98 -4.66 27.39
CA GLY D 74 20.60 -3.31 27.02
C GLY D 74 19.27 -3.32 26.29
N ASN D 75 19.30 -3.54 24.99
CA ASN D 75 18.08 -3.61 24.18
C ASN D 75 17.26 -4.83 24.64
N HIS D 76 17.95 -5.91 24.97
CA HIS D 76 17.28 -7.14 25.43
C HIS D 76 16.41 -6.83 26.66
N ALA D 77 16.93 -6.01 27.55
CA ALA D 77 16.20 -5.65 28.77
C ALA D 77 14.83 -5.09 28.43
N GLN D 78 14.78 -4.21 27.43
CA GLN D 78 13.53 -3.60 27.00
C GLN D 78 12.62 -4.63 26.33
N GLY D 79 13.22 -5.53 25.56
CA GLY D 79 12.45 -6.56 24.90
C GLY D 79 11.77 -7.44 25.93
N VAL D 80 12.53 -7.91 26.91
CA VAL D 80 11.97 -8.75 27.94
C VAL D 80 10.92 -7.99 28.73
N ALA D 81 11.20 -6.72 29.02
CA ALA D 81 10.22 -5.91 29.75
C ALA D 81 8.92 -5.82 28.96
N TYR D 82 9.05 -5.61 27.65
CA TYR D 82 7.88 -5.51 26.78
C TYR D 82 7.11 -6.83 26.81
N ALA D 83 7.83 -7.94 26.67
CA ALA D 83 7.22 -9.26 26.68
C ALA D 83 6.42 -9.50 27.97
N ALA D 84 6.97 -9.06 29.10
CA ALA D 84 6.28 -9.24 30.38
C ALA D 84 4.98 -8.45 30.42
N GLN D 85 4.95 -7.33 29.72
CA GLN D 85 3.75 -6.51 29.69
C GLN D 85 2.67 -7.21 28.87
N VAL D 86 3.08 -7.89 27.81
CA VAL D 86 2.13 -8.61 26.96
C VAL D 86 1.52 -9.74 27.77
N LEU D 87 2.36 -10.51 28.46
CA LEU D 87 1.89 -11.63 29.27
C LEU D 87 1.07 -11.14 30.46
N GLY D 88 1.52 -10.07 31.09
CA GLY D 88 0.81 -9.54 32.24
C GLY D 88 1.47 -9.97 33.53
N VAL D 89 2.76 -10.28 33.46
CA VAL D 89 3.51 -10.69 34.63
C VAL D 89 4.53 -9.62 34.92
N LYS D 90 5.37 -9.84 35.93
CA LYS D 90 6.38 -8.86 36.27
C LYS D 90 7.71 -9.17 35.61
N ALA D 91 8.41 -8.12 35.23
CA ALA D 91 9.71 -8.26 34.59
C ALA D 91 10.75 -7.72 35.55
N LEU D 92 11.76 -8.53 35.82
CA LEU D 92 12.82 -8.12 36.72
C LEU D 92 14.11 -8.13 35.91
N VAL D 93 14.66 -6.95 35.69
CA VAL D 93 15.88 -6.83 34.90
C VAL D 93 17.04 -6.43 35.80
N VAL D 94 18.13 -7.17 35.70
CA VAL D 94 19.31 -6.86 36.49
C VAL D 94 20.33 -6.22 35.56
N MET D 95 20.42 -4.90 35.62
CA MET D 95 21.36 -4.16 34.78
C MET D 95 22.56 -3.72 35.62
N PRO D 96 23.77 -3.90 35.07
CA PRO D 96 24.99 -3.50 35.78
C PRO D 96 24.92 -2.06 36.29
N VAL D 127 23.83 -13.55 41.27
CA VAL D 127 23.26 -12.16 41.25
C VAL D 127 21.79 -12.22 40.84
N ALA D 128 21.54 -12.73 39.65
CA ALA D 128 20.18 -12.85 39.14
C ALA D 128 19.70 -14.26 39.43
N ARG D 129 20.63 -15.21 39.38
CA ARG D 129 20.33 -16.62 39.64
C ARG D 129 19.68 -16.74 41.01
N ALA D 130 20.15 -15.96 41.97
CA ALA D 130 19.61 -15.97 43.32
C ALA D 130 18.15 -15.51 43.26
N LEU D 131 17.89 -14.49 42.45
CA LEU D 131 16.55 -13.95 42.27
C LEU D 131 15.71 -14.99 41.56
N GLN D 132 16.37 -15.81 40.74
CA GLN D 132 15.71 -16.87 39.99
C GLN D 132 15.15 -17.89 40.99
N GLU D 133 16.01 -18.31 41.90
CA GLU D 133 15.61 -19.29 42.92
C GLU D 133 14.57 -18.65 43.82
N GLU D 134 14.87 -17.43 44.27
CA GLU D 134 13.97 -16.68 45.14
C GLU D 134 12.55 -16.56 44.61
N THR D 135 12.42 -15.90 43.45
CA THR D 135 11.13 -15.70 42.83
C THR D 135 10.67 -16.87 42.00
N GLY D 136 11.61 -17.55 41.36
CA GLY D 136 11.25 -18.68 40.52
C GLY D 136 10.86 -18.18 39.15
N TYR D 137 11.36 -17.00 38.79
CA TYR D 137 11.07 -16.39 37.50
C TYR D 137 11.85 -17.06 36.38
N ALA D 138 11.33 -16.97 35.16
CA ALA D 138 11.97 -17.56 34.00
C ALA D 138 13.06 -16.62 33.49
N LEU D 139 14.23 -17.18 33.19
CA LEU D 139 15.36 -16.40 32.70
C LEU D 139 15.41 -16.47 31.19
N ILE D 140 15.31 -15.32 30.53
CA ILE D 140 15.35 -15.29 29.08
C ILE D 140 16.71 -14.78 28.63
N HIS D 141 17.49 -15.68 28.04
CA HIS D 141 18.82 -15.33 27.58
C HIS D 141 18.76 -14.47 26.31
N PRO D 142 19.69 -13.50 26.17
CA PRO D 142 19.72 -12.63 24.99
C PRO D 142 20.01 -13.32 23.67
N PHE D 143 20.64 -14.48 23.68
CA PHE D 143 20.92 -15.15 22.42
C PHE D 143 21.07 -16.67 22.41
N ASP D 144 21.55 -17.25 23.51
CA ASP D 144 21.75 -18.71 23.57
C ASP D 144 20.52 -19.49 23.98
N ASP D 145 19.48 -19.43 23.14
CA ASP D 145 18.24 -20.12 23.43
C ASP D 145 17.51 -20.35 22.10
N PRO D 146 17.22 -21.62 21.77
CA PRO D 146 16.53 -21.95 20.52
C PRO D 146 15.31 -21.08 20.21
N LEU D 147 14.47 -20.83 21.20
CA LEU D 147 13.28 -20.01 21.01
C LEU D 147 13.61 -18.54 20.76
N VAL D 148 14.71 -18.07 21.35
CA VAL D 148 15.11 -16.69 21.17
C VAL D 148 15.65 -16.53 19.75
N ILE D 149 16.50 -17.47 19.35
CA ILE D 149 17.08 -17.50 18.01
C ILE D 149 15.95 -17.57 16.96
N ALA D 150 15.00 -18.47 17.19
CA ALA D 150 13.86 -18.64 16.29
C ALA D 150 13.15 -17.31 16.14
N GLY D 151 12.94 -16.63 17.26
CA GLY D 151 12.28 -15.34 17.26
C GLY D 151 13.00 -14.31 16.40
N GLN D 152 14.29 -14.12 16.65
CA GLN D 152 15.08 -13.15 15.90
C GLN D 152 15.00 -13.50 14.41
N GLY D 153 15.02 -14.80 14.14
CA GLY D 153 14.99 -15.31 12.78
C GLY D 153 13.76 -14.94 11.97
N THR D 154 12.67 -14.55 12.62
CA THR D 154 11.47 -14.18 11.89
C THR D 154 11.72 -12.92 11.04
N ALA D 155 12.75 -12.15 11.36
CA ALA D 155 13.06 -10.94 10.60
C ALA D 155 13.57 -11.40 9.23
N GLY D 156 14.15 -12.59 9.22
CA GLY D 156 14.66 -13.16 7.98
C GLY D 156 13.53 -13.67 7.10
N LEU D 157 12.47 -14.19 7.71
CA LEU D 157 11.32 -14.69 6.94
C LEU D 157 10.59 -13.50 6.31
N GLU D 158 10.51 -12.39 7.06
CA GLU D 158 9.85 -11.21 6.56
C GLU D 158 10.63 -10.63 5.38
N LEU D 159 11.93 -10.49 5.59
CA LEU D 159 12.83 -9.94 4.58
C LEU D 159 12.67 -10.64 3.24
N LEU D 160 12.73 -11.97 3.25
CA LEU D 160 12.60 -12.71 2.01
C LEU D 160 11.22 -12.54 1.38
N ALA D 161 10.18 -12.47 2.21
CA ALA D 161 8.82 -12.29 1.70
C ALA D 161 8.60 -10.92 1.06
N GLN D 162 9.12 -9.88 1.71
CA GLN D 162 9.00 -8.52 1.24
C GLN D 162 9.83 -8.28 0.00
N ALA D 163 11.00 -8.90 -0.05
CA ALA D 163 11.89 -8.78 -1.18
C ALA D 163 11.28 -9.51 -2.39
N GLY D 164 10.68 -10.67 -2.12
CA GLY D 164 10.06 -11.43 -3.20
C GLY D 164 8.91 -10.66 -3.82
N ARG D 165 8.16 -9.98 -2.96
CA ARG D 165 7.02 -9.17 -3.39
C ARG D 165 7.50 -8.02 -4.28
N MET D 166 8.73 -7.56 -4.04
CA MET D 166 9.33 -6.48 -4.81
C MET D 166 9.98 -7.03 -6.06
N GLY D 167 10.16 -8.35 -6.09
CA GLY D 167 10.79 -8.96 -7.25
C GLY D 167 12.28 -8.73 -7.23
N VAL D 168 12.83 -8.42 -6.07
CA VAL D 168 14.26 -8.21 -5.93
C VAL D 168 14.82 -9.39 -5.12
N PHE D 169 15.93 -9.95 -5.57
CA PHE D 169 16.55 -11.07 -4.87
C PHE D 169 17.99 -10.69 -4.54
N PRO D 170 18.28 -10.42 -3.27
CA PRO D 170 19.64 -10.05 -2.87
C PRO D 170 20.64 -11.19 -2.94
N GLY D 171 21.86 -10.85 -3.36
CA GLY D 171 22.91 -11.85 -3.45
C GLY D 171 23.51 -12.11 -2.08
N ALA D 172 23.19 -11.23 -1.13
CA ALA D 172 23.72 -11.37 0.22
C ALA D 172 22.91 -10.60 1.26
N VAL D 173 22.98 -11.10 2.50
CA VAL D 173 22.30 -10.50 3.63
C VAL D 173 23.40 -10.22 4.66
N LEU D 174 23.44 -9.00 5.18
CA LEU D 174 24.46 -8.65 6.17
C LEU D 174 23.79 -8.21 7.45
N ALA D 175 24.33 -8.67 8.58
CA ALA D 175 23.77 -8.32 9.89
C ALA D 175 24.88 -8.24 10.94
N PRO D 176 24.67 -7.46 12.00
CA PRO D 176 25.69 -7.33 13.04
C PRO D 176 25.78 -8.64 13.83
N VAL D 177 26.94 -8.90 14.44
CA VAL D 177 27.14 -10.12 15.22
C VAL D 177 27.72 -9.84 16.61
N GLY D 178 26.95 -10.19 17.63
CA GLY D 178 27.40 -10.02 18.99
C GLY D 178 27.38 -11.41 19.59
N GLY D 179 26.22 -11.80 20.14
CA GLY D 179 26.08 -13.11 20.71
C GLY D 179 25.87 -14.16 19.63
N GLY D 180 25.24 -13.77 18.52
CA GLY D 180 25.01 -14.69 17.42
C GLY D 180 23.57 -15.10 17.20
N GLY D 181 22.69 -14.69 18.10
CA GLY D 181 21.28 -15.02 17.97
C GLY D 181 20.66 -14.53 16.68
N LEU D 182 20.79 -13.23 16.41
CA LEU D 182 20.23 -12.65 15.18
C LEU D 182 20.77 -13.37 13.94
N LEU D 183 22.09 -13.42 13.81
CA LEU D 183 22.73 -14.06 12.67
C LEU D 183 22.38 -15.54 12.51
N ALA D 184 22.18 -16.24 13.63
CA ALA D 184 21.84 -17.66 13.59
C ALA D 184 20.42 -17.79 13.06
N GLY D 185 19.51 -17.00 13.61
CA GLY D 185 18.14 -17.03 13.15
C GLY D 185 18.06 -16.67 11.68
N LEU D 186 18.71 -15.58 11.31
CA LEU D 186 18.74 -15.11 9.92
C LEU D 186 19.31 -16.19 9.00
N ALA D 187 20.43 -16.78 9.38
CA ALA D 187 21.05 -17.83 8.58
C ALA D 187 20.11 -19.02 8.37
N THR D 188 19.35 -19.37 9.40
CA THR D 188 18.43 -20.48 9.30
C THR D 188 17.31 -20.21 8.30
N ALA D 189 16.79 -18.99 8.31
CA ALA D 189 15.71 -18.62 7.41
C ALA D 189 16.16 -18.57 5.95
N VAL D 190 17.27 -17.86 5.71
CA VAL D 190 17.79 -17.70 4.37
C VAL D 190 18.30 -18.99 3.72
N LYS D 191 19.01 -19.81 4.48
CA LYS D 191 19.57 -21.05 3.94
C LYS D 191 18.53 -22.12 3.66
N ALA D 192 17.43 -22.10 4.39
CA ALA D 192 16.35 -23.05 4.18
C ALA D 192 15.66 -22.80 2.83
N LEU D 193 15.58 -21.53 2.44
CA LEU D 193 14.92 -21.16 1.18
C LEU D 193 15.87 -21.01 -0.01
N SER D 194 16.96 -20.28 0.18
CA SER D 194 17.93 -20.11 -0.90
C SER D 194 19.36 -20.17 -0.38
N PRO D 195 19.95 -21.38 -0.37
CA PRO D 195 21.31 -21.61 0.10
C PRO D 195 22.39 -20.87 -0.69
N THR D 196 22.09 -20.49 -1.92
CA THR D 196 23.06 -19.76 -2.74
C THR D 196 23.18 -18.30 -2.31
N THR D 197 22.25 -17.84 -1.50
CA THR D 197 22.30 -16.47 -1.01
C THR D 197 23.34 -16.41 0.10
N LEU D 198 24.24 -15.44 0.00
CA LEU D 198 25.29 -15.26 1.00
C LEU D 198 24.76 -14.61 2.27
N VAL D 199 25.11 -15.20 3.42
CA VAL D 199 24.71 -14.67 4.72
C VAL D 199 26.03 -14.30 5.39
N LEU D 200 26.15 -13.04 5.80
CA LEU D 200 27.38 -12.56 6.40
C LEU D 200 27.17 -11.76 7.67
N GLY D 201 28.06 -11.99 8.64
CA GLY D 201 27.97 -11.25 9.88
C GLY D 201 28.95 -10.11 9.78
N VAL D 202 28.78 -9.10 10.64
CA VAL D 202 29.68 -7.96 10.64
C VAL D 202 29.96 -7.55 12.09
N GLU D 203 31.23 -7.33 12.40
CA GLU D 203 31.59 -6.92 13.75
C GLU D 203 32.75 -5.94 13.72
N PRO D 204 32.86 -5.07 14.73
CA PRO D 204 33.96 -4.11 14.73
C PRO D 204 35.28 -4.87 14.76
N GLU D 205 36.31 -4.35 14.10
CA GLU D 205 37.59 -5.04 14.09
C GLU D 205 38.16 -5.13 15.51
N ALA D 206 37.75 -4.20 16.37
CA ALA D 206 38.22 -4.20 17.74
C ALA D 206 37.59 -5.34 18.53
N ALA D 207 36.75 -6.12 17.86
CA ALA D 207 36.07 -7.24 18.51
C ALA D 207 35.75 -8.31 17.49
N ASP D 208 36.76 -8.82 16.81
CA ASP D 208 36.54 -9.84 15.79
C ASP D 208 36.66 -11.28 16.31
N ASP D 209 36.11 -11.53 17.49
CA ASP D 209 36.18 -12.88 18.06
C ASP D 209 35.32 -13.88 17.31
N ALA D 210 34.15 -13.46 16.86
CA ALA D 210 33.27 -14.36 16.12
C ALA D 210 33.93 -14.72 14.79
N LYS D 211 34.62 -13.76 14.19
CA LYS D 211 35.30 -14.00 12.93
C LYS D 211 36.41 -15.01 13.15
N ARG D 212 37.27 -14.74 14.13
CA ARG D 212 38.38 -15.62 14.45
C ARG D 212 37.88 -17.03 14.78
N SER D 213 36.76 -17.12 15.48
CA SER D 213 36.18 -18.41 15.85
C SER D 213 35.80 -19.26 14.64
N LEU D 214 35.23 -18.63 13.62
CA LEU D 214 34.84 -19.36 12.42
C LEU D 214 36.06 -19.91 11.69
N GLU D 215 37.21 -19.31 11.95
CA GLU D 215 38.46 -19.74 11.32
C GLU D 215 39.06 -20.89 12.12
N ALA D 216 39.06 -20.73 13.44
CA ALA D 216 39.63 -21.71 14.34
C ALA D 216 38.72 -22.92 14.52
N GLY D 217 37.43 -22.75 14.23
CA GLY D 217 36.49 -23.85 14.38
C GLY D 217 36.16 -24.11 15.83
N ARG D 218 36.54 -23.15 16.69
CA ARG D 218 36.29 -23.24 18.14
C ARG D 218 35.88 -21.86 18.61
N ILE D 219 35.17 -21.79 19.73
CA ILE D 219 34.75 -20.51 20.26
C ILE D 219 35.90 -19.80 20.97
N LEU D 220 36.40 -18.73 20.36
CA LEU D 220 37.48 -17.94 20.95
C LEU D 220 36.80 -16.83 21.74
N ARG D 221 37.41 -16.42 22.85
CA ARG D 221 36.81 -15.39 23.69
C ARG D 221 37.64 -14.11 23.81
N LEU D 222 36.97 -12.99 24.02
CA LEU D 222 37.65 -11.71 24.17
C LEU D 222 38.20 -11.54 25.58
N GLU D 223 39.50 -11.29 25.64
CA GLU D 223 40.25 -11.09 26.88
C GLU D 223 39.60 -10.06 27.80
N ALA D 224 38.73 -9.22 27.24
CA ALA D 224 38.04 -8.17 28.00
C ALA D 224 37.26 -7.30 27.02
N PRO D 225 36.34 -6.46 27.53
CA PRO D 225 35.54 -5.58 26.67
C PRO D 225 36.38 -4.95 25.55
N PRO D 226 35.92 -5.10 24.29
CA PRO D 226 36.58 -4.58 23.09
C PRO D 226 36.60 -3.06 22.91
N ARG D 227 35.71 -2.34 23.57
CA ARG D 227 35.65 -0.90 23.43
C ARG D 227 35.45 -0.52 21.96
N THR D 228 34.21 -0.18 21.64
CA THR D 228 33.80 0.21 20.30
C THR D 228 32.52 0.99 20.50
N ARG D 229 32.14 1.78 19.51
CA ARG D 229 30.91 2.56 19.63
C ARG D 229 29.68 1.67 19.46
N ALA D 230 29.87 0.50 18.85
CA ALA D 230 28.77 -0.45 18.66
C ALA D 230 28.53 -1.21 19.96
N ASP D 231 27.94 -0.50 20.93
CA ASP D 231 27.68 -1.07 22.25
C ASP D 231 26.88 -2.37 22.29
N GLY D 232 26.08 -2.60 21.26
CA GLY D 232 25.26 -3.80 21.24
C GLY D 232 25.99 -5.10 20.96
N VAL D 233 27.20 -5.04 20.43
CA VAL D 233 27.93 -6.26 20.15
C VAL D 233 29.29 -6.35 20.81
N ARG D 234 29.37 -5.93 22.07
CA ARG D 234 30.63 -6.03 22.78
C ARG D 234 30.63 -7.23 23.72
N THR D 235 30.06 -8.35 23.26
CA THR D 235 30.00 -9.57 24.06
C THR D 235 31.37 -10.24 23.97
N LEU D 236 31.76 -10.95 25.01
CA LEU D 236 33.06 -11.61 25.05
C LEU D 236 33.20 -12.81 24.13
N SER D 237 32.09 -13.45 23.76
CA SER D 237 32.16 -14.60 22.87
C SER D 237 30.81 -15.02 22.30
N LEU D 238 30.85 -15.78 21.22
CA LEU D 238 29.63 -16.29 20.59
C LEU D 238 29.00 -17.28 21.56
N GLY D 239 27.70 -17.51 21.40
CA GLY D 239 27.00 -18.44 22.27
C GLY D 239 27.28 -19.87 21.87
N GLU D 240 26.96 -20.80 22.76
CA GLU D 240 27.19 -22.22 22.51
C GLU D 240 26.16 -22.79 21.54
N ARG D 241 24.94 -22.28 21.59
CA ARG D 241 23.90 -22.75 20.70
C ARG D 241 23.91 -22.05 19.33
N THR D 242 24.53 -20.87 19.27
CA THR D 242 24.59 -20.14 18.00
C THR D 242 25.82 -20.46 17.18
N PHE D 243 26.94 -20.71 17.86
CA PHE D 243 28.19 -21.02 17.18
C PHE D 243 28.10 -22.16 16.15
N PRO D 244 27.50 -23.30 16.52
CA PRO D 244 27.41 -24.39 15.54
C PRO D 244 26.50 -24.06 14.36
N ILE D 245 25.48 -23.24 14.59
CA ILE D 245 24.58 -22.85 13.49
C ILE D 245 25.37 -21.96 12.54
N LEU D 246 26.17 -21.06 13.11
CA LEU D 246 26.97 -20.15 12.31
C LEU D 246 28.05 -20.89 11.52
N ARG D 247 28.68 -21.87 12.15
CA ARG D 247 29.74 -22.64 11.49
C ARG D 247 29.19 -23.38 10.28
N GLU D 248 27.91 -23.72 10.31
CA GLU D 248 27.30 -24.44 9.20
C GLU D 248 26.45 -23.59 8.25
N ARG D 249 25.88 -22.49 8.73
CA ARG D 249 25.02 -21.65 7.90
C ARG D 249 25.47 -20.24 7.56
N VAL D 250 26.62 -19.83 8.08
CA VAL D 250 27.14 -18.49 7.79
C VAL D 250 28.36 -18.56 6.88
N ASP D 251 28.29 -17.82 5.78
CA ASP D 251 29.36 -17.78 4.78
C ASP D 251 30.61 -17.03 5.19
N GLY D 252 30.51 -16.19 6.22
CA GLY D 252 31.68 -15.44 6.65
C GLY D 252 31.33 -14.25 7.50
N ILE D 253 32.35 -13.64 8.10
CA ILE D 253 32.15 -12.47 8.94
C ILE D 253 33.13 -11.40 8.48
N LEU D 254 32.63 -10.18 8.34
CA LEU D 254 33.46 -9.06 7.91
C LEU D 254 33.68 -8.14 9.10
N THR D 255 34.86 -7.53 9.14
CA THR D 255 35.19 -6.60 10.21
C THR D 255 35.23 -5.19 9.64
N VAL D 256 34.89 -4.22 10.48
CA VAL D 256 34.86 -2.83 10.06
C VAL D 256 35.56 -1.90 11.05
N SER D 257 36.20 -0.85 10.52
CA SER D 257 36.89 0.13 11.35
C SER D 257 35.84 1.03 11.98
N GLU D 258 36.22 1.73 13.06
CA GLU D 258 35.30 2.64 13.74
C GLU D 258 34.99 3.86 12.85
N GLU D 259 35.92 4.17 11.94
CA GLU D 259 35.78 5.29 11.03
C GLU D 259 34.63 5.03 10.06
N ALA D 260 34.62 3.85 9.46
CA ALA D 260 33.57 3.46 8.52
C ALA D 260 32.23 3.43 9.25
N LEU D 261 32.22 2.89 10.46
CA LEU D 261 31.01 2.80 11.26
C LEU D 261 30.40 4.19 11.39
N LEU D 262 31.23 5.15 11.81
CA LEU D 262 30.77 6.52 11.97
C LEU D 262 30.20 7.07 10.67
N GLU D 263 30.91 6.82 9.57
CA GLU D 263 30.47 7.28 8.25
C GLU D 263 29.10 6.73 7.89
N ALA D 264 28.95 5.40 8.02
CA ALA D 264 27.70 4.71 7.72
C ALA D 264 26.57 5.26 8.57
N GLU D 265 26.90 5.60 9.81
CA GLU D 265 25.94 6.14 10.76
C GLU D 265 25.52 7.55 10.35
N ARG D 266 26.45 8.31 9.77
CA ARG D 266 26.17 9.67 9.33
C ARG D 266 25.33 9.61 8.05
N LEU D 267 25.63 8.62 7.21
CA LEU D 267 24.92 8.43 5.95
C LEU D 267 23.44 8.09 6.18
N LEU D 268 23.19 7.10 7.04
CA LEU D 268 21.83 6.72 7.33
C LEU D 268 21.08 7.89 7.94
N PHE D 269 21.78 8.64 8.78
CA PHE D 269 21.18 9.76 9.47
C PHE D 269 20.83 10.95 8.55
N THR D 270 21.78 11.37 7.73
CA THR D 270 21.53 12.51 6.86
C THR D 270 20.81 12.20 5.55
N ARG D 271 21.01 10.99 5.03
CA ARG D 271 20.38 10.61 3.77
C ARG D 271 19.01 9.94 3.86
N THR D 272 18.80 9.08 4.86
CA THR D 272 17.52 8.41 4.99
C THR D 272 16.71 8.99 6.14
N LYS D 273 17.31 9.91 6.87
CA LYS D 273 16.63 10.54 8.01
C LYS D 273 16.14 9.50 9.03
N GLN D 274 16.87 8.40 9.16
CA GLN D 274 16.49 7.34 10.11
C GLN D 274 17.43 7.34 11.31
N VAL D 275 16.87 7.24 12.51
CA VAL D 275 17.69 7.19 13.71
C VAL D 275 18.09 5.73 13.96
N VAL D 276 19.33 5.41 13.61
CA VAL D 276 19.86 4.06 13.79
C VAL D 276 21.05 4.13 14.73
N GLU D 277 21.04 3.26 15.75
CA GLU D 277 22.14 3.23 16.71
C GLU D 277 23.38 2.68 16.02
N PRO D 278 24.57 3.03 16.53
CA PRO D 278 25.83 2.56 15.93
C PRO D 278 25.92 1.09 15.54
N THR D 279 25.45 0.19 16.39
CA THR D 279 25.55 -1.23 16.06
C THR D 279 24.65 -1.57 14.88
N GLY D 280 23.52 -0.88 14.75
CA GLY D 280 22.63 -1.16 13.64
C GLY D 280 23.20 -0.68 12.30
N ALA D 281 24.24 0.14 12.36
CA ALA D 281 24.86 0.68 11.14
C ALA D 281 26.04 -0.14 10.63
N LEU D 282 26.37 -1.21 11.36
CA LEU D 282 27.48 -2.07 10.97
C LEU D 282 27.37 -2.65 9.56
N PRO D 283 26.20 -3.18 9.19
CA PRO D 283 26.09 -3.74 7.85
C PRO D 283 26.35 -2.73 6.73
N LEU D 284 25.97 -1.47 6.95
CA LEU D 284 26.24 -0.46 5.93
C LEU D 284 27.74 -0.20 5.93
N ALA D 285 28.33 -0.07 7.11
CA ALA D 285 29.77 0.17 7.22
C ALA D 285 30.56 -0.90 6.46
N ALA D 286 30.04 -2.12 6.43
CA ALA D 286 30.71 -3.19 5.71
C ALA D 286 30.68 -2.93 4.19
N VAL D 287 29.60 -2.31 3.72
CA VAL D 287 29.49 -2.00 2.29
C VAL D 287 30.52 -0.94 1.94
N LEU D 288 30.69 0.03 2.84
CA LEU D 288 31.66 1.10 2.65
C LEU D 288 33.07 0.54 2.50
N GLU D 289 33.41 -0.44 3.33
CA GLU D 289 34.74 -1.03 3.28
C GLU D 289 34.95 -2.27 2.42
N HIS D 290 33.88 -3.02 2.14
CA HIS D 290 34.05 -4.24 1.35
C HIS D 290 33.15 -4.31 0.11
N GLY D 291 32.49 -3.21 -0.20
CA GLY D 291 31.58 -3.19 -1.34
C GLY D 291 32.04 -3.90 -2.61
N ALA D 292 33.25 -3.55 -3.07
CA ALA D 292 33.82 -4.13 -4.28
C ALA D 292 33.80 -5.65 -4.36
N ARG D 293 33.81 -6.32 -3.22
CA ARG D 293 33.82 -7.77 -3.21
C ARG D 293 32.49 -8.39 -2.79
N LEU D 294 31.44 -7.57 -2.77
CA LEU D 294 30.10 -8.04 -2.40
C LEU D 294 29.19 -7.91 -3.62
N PRO D 295 28.13 -8.73 -3.71
CA PRO D 295 27.22 -8.64 -4.85
C PRO D 295 26.55 -7.28 -4.96
N GLN D 296 25.96 -6.98 -6.11
CA GLN D 296 25.33 -5.70 -6.34
C GLN D 296 24.09 -5.43 -5.49
N THR D 297 23.26 -6.44 -5.29
CA THR D 297 22.05 -6.28 -4.50
C THR D 297 22.26 -6.87 -3.11
N LEU D 298 22.16 -6.03 -2.08
CA LEU D 298 22.39 -6.46 -0.71
C LEU D 298 21.27 -6.07 0.22
N ALA D 299 20.93 -6.99 1.11
CA ALA D 299 19.90 -6.76 2.12
C ALA D 299 20.66 -6.49 3.41
N LEU D 300 20.38 -5.35 4.04
CA LEU D 300 21.07 -5.00 5.27
C LEU D 300 20.10 -4.97 6.43
N LEU D 301 20.50 -5.56 7.54
CA LEU D 301 19.61 -5.56 8.68
C LEU D 301 19.96 -4.44 9.65
N LEU D 302 19.10 -3.43 9.72
CA LEU D 302 19.31 -2.30 10.63
C LEU D 302 18.71 -2.79 11.95
N SER D 303 19.57 -3.42 12.75
CA SER D 303 19.20 -4.03 14.02
C SER D 303 18.45 -3.18 15.04
N GLY D 304 18.81 -1.90 15.16
CA GLY D 304 18.12 -1.08 16.14
C GLY D 304 18.36 0.42 16.02
N GLY D 305 17.51 1.18 16.70
CA GLY D 305 17.63 2.63 16.67
C GLY D 305 17.60 3.24 18.05
N ASN D 306 18.08 2.50 19.05
CA ASN D 306 18.07 3.02 20.40
C ASN D 306 19.37 3.72 20.78
N ARG D 307 19.49 4.98 20.36
CA ARG D 307 20.66 5.76 20.69
C ARG D 307 20.17 7.00 21.42
N ASP D 308 21.05 7.57 22.22
CA ASP D 308 20.69 8.75 22.98
C ASP D 308 20.43 9.95 22.06
N PHE D 309 19.55 10.84 22.50
CA PHE D 309 19.26 12.03 21.71
C PHE D 309 20.29 13.10 21.99
N SER D 310 20.76 13.76 20.95
CA SER D 310 21.73 14.83 21.08
C SER D 310 21.41 15.93 20.08
N PRO D 311 21.03 17.12 20.58
CA PRO D 311 20.70 18.24 19.69
C PRO D 311 21.85 18.61 18.75
CA CA E . 8.05 34.50 13.14
N1 PLP F . 10.34 24.44 8.20
C2 PLP F . 11.37 24.16 7.35
C2A PLP F . 12.16 22.83 7.56
C3 PLP F . 11.68 25.04 6.32
O3 PLP F . 12.71 24.74 5.47
C4 PLP F . 10.96 26.22 6.16
C4A PLP F . 11.37 27.16 4.98
C5 PLP F . 9.92 26.50 7.04
C6 PLP F . 9.63 25.60 8.04
C5A PLP F . 9.05 27.73 6.99
O4P PLP F . 8.28 27.87 5.77
P PLP F . 7.85 29.38 5.37
O1P PLP F . 6.86 29.82 6.38
O2P PLP F . 7.06 29.07 4.00
O3P PLP F . 9.07 30.19 5.07
CA CA G . -30.47 8.35 -22.14
N1 PLP H . -24.84 2.67 -14.18
C2 PLP H . -25.35 1.94 -13.13
C2A PLP H . -24.79 0.52 -12.85
C3 PLP H . -26.33 2.47 -12.35
O3 PLP H . -26.85 1.74 -11.29
C4 PLP H . -26.83 3.74 -12.63
C4A PLP H . -27.91 4.32 -11.71
C5 PLP H . -26.29 4.47 -13.70
C6 PLP H . -25.32 3.91 -14.46
C5A PLP H . -26.76 5.86 -14.10
O4P PLP H . -26.52 6.98 -13.21
P PLP H . -27.47 8.21 -13.44
O1P PLP H . -26.91 8.86 -14.69
O2P PLP H . -27.11 8.99 -12.13
O3P PLP H . -28.90 7.94 -13.36
CA CA I . -10.52 -36.73 -10.04
N1 PLP J . -8.31 -25.86 -11.68
C2 PLP J . -8.01 -25.26 -12.86
C2A PLP J . -8.71 -23.94 -13.25
C3 PLP J . -7.07 -25.83 -13.69
O3 PLP J . -6.77 -25.21 -14.89
C4 PLP J . -6.45 -27.01 -13.30
C4A PLP J . -5.38 -27.60 -14.26
C5 PLP J . -6.79 -27.61 -12.07
C6 PLP J . -7.70 -27.02 -11.30
C5A PLP J . -6.19 -28.90 -11.51
O4P PLP J . -4.77 -28.97 -11.31
P PLP J . -4.06 -30.39 -11.31
O1P PLP J . -4.64 -31.13 -10.17
O2P PLP J . -2.58 -29.88 -11.07
O3P PLP J . -4.02 -31.02 -12.66
CA CA K . 32.55 -9.83 18.57
N1 PLP L . 22.36 -4.89 17.22
C2 PLP L . 21.44 -4.50 18.17
C2A PLP L . 20.73 -3.14 18.01
C3 PLP L . 21.15 -5.35 19.24
O3 PLP L . 20.23 -4.93 20.17
C4 PLP L . 21.79 -6.59 19.37
C4A PLP L . 21.41 -7.51 20.57
C5 PLP L . 22.72 -6.97 18.39
C6 PLP L . 22.99 -6.11 17.34
C5A PLP L . 23.49 -8.31 18.42
O4P PLP L . 22.71 -9.50 18.23
P PLP L . 23.32 -10.93 18.77
O1P PLP L . 24.37 -11.33 17.83
O2P PLP L . 22.03 -11.78 18.70
O3P PLP L . 23.65 -10.78 20.22
#